data_4LLU
#
_entry.id   4LLU
#
_cell.length_a   210.024
_cell.length_b   69.739
_cell.length_c   70.828
_cell.angle_alpha   90.00
_cell.angle_beta   98.75
_cell.angle_gamma   90.00
#
_symmetry.space_group_name_H-M   'C 1 2 1'
#
loop_
_entity.id
_entity.type
_entity.pdbx_description
1 polymer 'PERTUZUMAB FAB Heavy chain'
2 polymer 'Light chain CLAMBDA'
3 non-polymer 'SULFATE ION'
4 non-polymer 'ACETATE ION'
5 water water
#
loop_
_entity_poly.entity_id
_entity_poly.type
_entity_poly.pdbx_seq_one_letter_code
_entity_poly.pdbx_strand_id
1 'polypeptide(L)'
;EVQLVESGGGLVQPGGSLRLSCAASGFTFTDYTMDWVRQAPGKGLEWVADVNPNSGGSIYNQRFKGRFTLSVDRSKNTLY
LQMNSLRAEDTAVYYCARNLGPSFYFDYWGQGTLVTVSSASTKGPSVFPLAPSSKSTSGGTAALGCLVKDYFPEPVTVSW
NSGALTSGVHTFPAVLQSSGLYSLSSVVTVPSSSLGTQTYICNVNHKPSNTKVDKKVEPKSCDKTHT
;
A,C
2 'polypeptide(L)'
;DIQMTQSPSSLSASVGDRVTITCKASQDVSIGVAWYQQKPGKAPKLLIYSASYRYTGVPSRFSGSGSGTDFTLTISSLQP
EDFATYYCQQYYIYPYTFGQGTKVEIKGQPKAAPSVTLFPPSSEELQANKATLVCLISDFYPGAVTVAWKADSSPVKAGV
ETTTPSKQSNNKYAASSYLSLTPEQWKSHRSYSCQVTHEGSTVEKTVAPTEC
;
B,D
#
# COMPACT_ATOMS: atom_id res chain seq x y z
N GLU A 1 28.46 23.12 -8.00
CA GLU A 1 27.21 22.30 -8.00
C GLU A 1 26.83 21.91 -6.57
N VAL A 2 25.58 22.16 -6.21
CA VAL A 2 25.07 21.65 -4.94
C VAL A 2 24.74 20.18 -5.14
N GLN A 3 25.31 19.33 -4.29
CA GLN A 3 24.97 17.93 -4.28
C GLN A 3 24.59 17.43 -2.89
N LEU A 4 23.47 16.71 -2.82
CA LEU A 4 23.07 16.03 -1.60
C LEU A 4 23.09 14.56 -1.96
N VAL A 5 23.97 13.80 -1.30
CA VAL A 5 24.14 12.39 -1.59
C VAL A 5 23.75 11.59 -0.35
N GLU A 6 22.63 10.87 -0.45
CA GLU A 6 22.17 10.05 0.66
C GLU A 6 22.59 8.61 0.52
N SER A 7 22.77 7.95 1.65
CA SER A 7 23.08 6.54 1.71
C SER A 7 22.45 5.94 2.98
N GLY A 8 22.50 4.63 3.12
CA GLY A 8 22.04 4.00 4.34
C GLY A 8 20.71 3.28 4.17
N GLY A 9 20.16 3.34 2.96
CA GLY A 9 18.91 2.64 2.64
C GLY A 9 19.00 1.13 2.72
N GLY A 10 17.84 0.48 2.63
CA GLY A 10 17.74 -0.99 2.61
C GLY A 10 16.54 -1.55 3.35
N LEU A 11 16.64 -2.81 3.76
CA LEU A 11 15.57 -3.52 4.41
C LEU A 11 15.75 -3.50 5.93
N VAL A 12 14.63 -3.34 6.65
CA VAL A 12 14.63 -3.42 8.10
C VAL A 12 13.38 -4.16 8.57
N GLN A 13 13.55 -4.98 9.61
CA GLN A 13 12.45 -5.76 10.20
C GLN A 13 11.52 -4.83 10.98
N PRO A 14 10.19 -5.13 11.01
CA PRO A 14 9.30 -4.26 11.81
C PRO A 14 9.76 -4.22 13.27
N GLY A 15 9.63 -3.04 13.90
CA GLY A 15 10.21 -2.79 15.23
C GLY A 15 11.70 -2.45 15.17
N GLY A 16 12.34 -2.70 14.04
CA GLY A 16 13.76 -2.40 13.86
C GLY A 16 14.11 -0.92 13.73
N SER A 17 15.41 -0.63 13.74
CA SER A 17 15.88 0.73 13.58
C SER A 17 16.83 0.85 12.39
N LEU A 18 16.92 2.05 11.82
CA LEU A 18 17.71 2.28 10.59
C LEU A 18 18.18 3.72 10.57
N ARG A 19 19.43 3.92 10.18
CA ARG A 19 20.00 5.25 10.14
C ARG A 19 20.37 5.70 8.72
N LEU A 20 19.76 6.78 8.24
CA LEU A 20 20.14 7.37 6.95
C LEU A 20 21.15 8.49 7.08
N SER A 21 21.90 8.71 6.00
CA SER A 21 22.93 9.75 5.94
C SER A 21 22.68 10.65 4.72
N CYS A 22 22.94 11.93 4.88
CA CYS A 22 22.89 12.84 3.73
C CYS A 22 24.15 13.69 3.73
N ALA A 23 25.08 13.38 2.83
CA ALA A 23 26.33 14.15 2.68
C ALA A 23 26.07 15.36 1.79
N ALA A 24 26.21 16.55 2.35
CA ALA A 24 26.03 17.79 1.60
C ALA A 24 27.36 18.31 1.05
N SER A 25 27.36 18.78 -0.19
CA SER A 25 28.53 19.46 -0.75
C SER A 25 28.11 20.57 -1.72
N GLY A 26 29.04 21.48 -1.97
CA GLY A 26 28.83 22.55 -2.93
C GLY A 26 28.21 23.83 -2.41
N PHE A 27 27.98 23.92 -1.10
CA PHE A 27 27.41 25.13 -0.48
C PHE A 27 27.85 25.18 0.98
N THR A 28 27.62 26.31 1.66
CA THR A 28 27.98 26.45 3.09
C THR A 28 26.94 25.78 3.96
N PHE A 29 27.30 24.64 4.54
CA PHE A 29 26.39 23.81 5.33
C PHE A 29 25.55 24.56 6.38
N THR A 30 26.20 25.41 7.18
CA THR A 30 25.56 26.13 8.28
C THR A 30 24.69 27.33 7.86
N ASP A 31 24.71 27.65 6.57
CA ASP A 31 23.91 28.76 6.06
C ASP A 31 22.43 28.39 5.86
N TYR A 32 22.14 27.09 5.78
CA TYR A 32 20.81 26.61 5.36
C TYR A 32 20.16 25.71 6.40
N THR A 33 18.90 25.37 6.17
CA THR A 33 18.22 24.40 7.00
C THR A 33 18.13 23.08 6.22
N MET A 34 18.52 21.98 6.85
CA MET A 34 18.47 20.65 6.24
C MET A 34 17.19 19.86 6.58
N ASP A 35 16.58 19.23 5.58
CA ASP A 35 15.30 18.53 5.76
C ASP A 35 15.29 17.09 5.33
N TRP A 36 14.36 16.34 5.90
CA TRP A 36 13.94 15.06 5.34
C TRP A 36 12.50 15.14 4.83
N VAL A 37 12.27 14.49 3.71
CA VAL A 37 10.96 14.41 3.08
C VAL A 37 10.83 12.97 2.58
N ARG A 38 9.64 12.38 2.71
CA ARG A 38 9.47 10.99 2.30
C ARG A 38 8.32 10.79 1.34
N GLN A 39 8.39 9.71 0.56
CA GLN A 39 7.36 9.40 -0.41
C GLN A 39 7.06 7.91 -0.38
N ALA A 40 5.88 7.57 0.12
CA ALA A 40 5.45 6.15 0.21
C ALA A 40 5.21 5.61 -1.21
N PRO A 41 5.41 4.29 -1.42
CA PRO A 41 5.30 3.83 -2.82
C PRO A 41 3.97 4.22 -3.42
N GLY A 42 4.03 5.05 -4.47
CA GLY A 42 2.84 5.49 -5.20
C GLY A 42 2.01 6.59 -4.55
N LYS A 43 2.53 7.21 -3.49
CA LYS A 43 1.80 8.23 -2.74
C LYS A 43 2.43 9.63 -2.85
N GLY A 44 1.88 10.59 -2.11
CA GLY A 44 2.38 11.95 -2.14
C GLY A 44 3.65 12.13 -1.35
N LEU A 45 4.10 13.37 -1.25
CA LEU A 45 5.27 13.73 -0.47
C LEU A 45 4.85 14.17 0.91
N GLU A 46 5.68 13.85 1.89
CA GLU A 46 5.41 14.17 3.28
C GLU A 46 6.70 14.66 3.94
N TRP A 47 6.69 15.94 4.33
CA TRP A 47 7.77 16.47 5.13
C TRP A 47 7.90 15.71 6.45
N VAL A 48 9.13 15.45 6.84
CA VAL A 48 9.38 14.55 7.95
C VAL A 48 9.96 15.28 9.15
N ALA A 49 11.04 16.03 8.91
CA ALA A 49 11.71 16.79 9.94
C ALA A 49 12.72 17.77 9.33
N ASP A 50 13.14 18.74 10.14
CA ASP A 50 14.19 19.66 9.75
C ASP A 50 15.13 19.89 10.92
N VAL A 51 16.35 20.29 10.59
CA VAL A 51 17.36 20.61 11.59
C VAL A 51 18.20 21.80 11.13
N ASN A 52 18.41 22.73 12.04
CA ASN A 52 19.37 23.79 11.84
C ASN A 52 20.75 23.22 12.18
N PRO A 53 21.70 23.30 11.23
CA PRO A 53 23.03 22.70 11.40
C PRO A 53 23.88 23.36 12.49
N ASN A 54 23.59 24.62 12.80
CA ASN A 54 24.33 25.41 13.78
C ASN A 54 24.16 24.94 15.22
N SER A 55 22.93 24.56 15.57
CA SER A 55 22.55 24.25 16.95
C SER A 55 22.28 22.76 17.18
N GLY A 56 21.87 22.06 16.13
CA GLY A 56 21.45 20.67 16.26
C GLY A 56 19.99 20.57 16.67
N GLY A 57 19.35 21.73 16.83
CA GLY A 57 17.92 21.82 17.14
C GLY A 57 17.05 21.30 16.01
N SER A 58 16.22 20.31 16.35
CA SER A 58 15.38 19.64 15.37
C SER A 58 13.90 19.85 15.63
N ILE A 59 13.12 19.89 14.54
CA ILE A 59 11.65 19.91 14.59
C ILE A 59 11.08 18.77 13.72
N TYR A 60 10.08 18.05 14.24
CA TYR A 60 9.56 16.84 13.60
C TYR A 60 8.08 16.94 13.30
N ASN A 61 7.66 16.34 12.20
CA ASN A 61 6.25 16.16 11.91
C ASN A 61 5.71 15.27 13.01
N GLN A 62 4.44 15.40 13.33
CA GLN A 62 3.92 14.83 14.57
C GLN A 62 3.84 13.31 14.62
N ARG A 63 3.70 12.68 13.45
CA ARG A 63 3.76 11.22 13.36
C ARG A 63 5.14 10.59 13.62
N PHE A 64 6.18 11.40 13.72
CA PHE A 64 7.55 10.88 13.87
C PHE A 64 8.27 11.37 15.12
N LYS A 65 7.63 12.28 15.85
CA LYS A 65 8.20 12.80 17.10
C LYS A 65 8.46 11.65 18.05
N GLY A 66 9.61 11.68 18.72
CA GLY A 66 10.02 10.63 19.66
C GLY A 66 10.52 9.35 19.00
N ARG A 67 10.13 9.14 17.73
CA ARG A 67 10.51 7.94 16.98
C ARG A 67 11.74 8.18 16.11
N PHE A 68 11.76 9.33 15.43
CA PHE A 68 12.87 9.72 14.57
C PHE A 68 13.73 10.79 15.24
N THR A 69 15.04 10.72 15.02
CA THR A 69 15.95 11.76 15.50
C THR A 69 16.85 12.22 14.36
N LEU A 70 17.00 13.53 14.21
CA LEU A 70 18.01 14.07 13.31
C LEU A 70 19.18 14.55 14.12
N SER A 71 20.36 14.42 13.52
CA SER A 71 21.61 14.94 14.06
C SER A 71 22.43 15.32 12.84
N VAL A 72 23.36 16.25 13.03
CA VAL A 72 24.32 16.60 12.00
C VAL A 72 25.74 16.37 12.49
N ASP A 73 26.64 16.21 11.53
CA ASP A 73 28.07 16.34 11.80
C ASP A 73 28.58 17.48 10.94
N ARG A 74 28.78 18.64 11.57
CA ARG A 74 29.21 19.85 10.87
C ARG A 74 30.56 19.66 10.20
N SER A 75 31.48 19.00 10.90
CA SER A 75 32.85 18.81 10.41
C SER A 75 32.94 17.96 9.14
N LYS A 76 31.98 17.08 8.90
CA LYS A 76 31.91 16.45 7.59
C LYS A 76 30.63 16.71 6.82
N ASN A 77 30.08 17.92 6.98
CA ASN A 77 28.91 18.39 6.22
C ASN A 77 27.87 17.32 5.93
N THR A 78 27.43 16.61 6.97
CA THR A 78 26.54 15.48 6.82
C THR A 78 25.39 15.49 7.83
N LEU A 79 24.22 15.11 7.33
CA LEU A 79 22.97 15.08 8.07
C LEU A 79 22.51 13.63 8.23
N TYR A 80 22.02 13.29 9.42
CA TYR A 80 21.50 11.94 9.69
C TYR A 80 20.01 11.91 10.00
N LEU A 81 19.38 10.76 9.74
CA LEU A 81 18.02 10.48 10.16
C LEU A 81 18.03 9.10 10.79
N GLN A 82 17.93 9.07 12.12
CA GLN A 82 17.90 7.84 12.86
C GLN A 82 16.42 7.46 13.05
N MET A 83 16.03 6.31 12.53
CA MET A 83 14.64 5.87 12.59
C MET A 83 14.47 4.71 13.55
N ASN A 84 13.49 4.79 14.44
CA ASN A 84 13.30 3.74 15.45
C ASN A 84 11.90 3.19 15.43
N SER A 85 11.77 1.93 15.84
CA SER A 85 10.48 1.27 15.96
C SER A 85 9.69 1.34 14.65
N LEU A 86 10.37 1.00 13.56
CA LEU A 86 9.79 1.19 12.24
C LEU A 86 8.63 0.23 11.97
N ARG A 87 7.69 0.67 11.16
CA ARG A 87 6.62 -0.23 10.78
C ARG A 87 6.38 -0.20 9.30
N ALA A 88 5.44 -1.04 8.87
CA ALA A 88 5.20 -1.31 7.46
C ALA A 88 4.90 -0.04 6.68
N GLU A 89 4.17 0.87 7.32
CA GLU A 89 3.76 2.11 6.67
C GLU A 89 4.89 3.10 6.52
N ASP A 90 6.01 2.84 7.19
CA ASP A 90 7.21 3.61 7.04
C ASP A 90 8.00 3.24 5.76
N THR A 91 7.56 2.22 5.03
CA THR A 91 8.21 1.86 3.78
C THR A 91 8.05 3.04 2.83
N ALA A 92 9.17 3.58 2.33
CA ALA A 92 9.17 4.78 1.48
C ALA A 92 10.56 5.11 0.91
N VAL A 93 10.57 5.93 -0.14
CA VAL A 93 11.77 6.60 -0.59
C VAL A 93 11.95 7.82 0.32
N TYR A 94 13.12 7.93 0.96
CA TYR A 94 13.45 9.08 1.81
C TYR A 94 14.41 10.02 1.08
N TYR A 95 14.06 11.29 1.04
CA TYR A 95 14.91 12.30 0.46
C TYR A 95 15.44 13.21 1.57
N CYS A 96 16.69 13.63 1.45
CA CYS A 96 17.06 14.84 2.16
C CYS A 96 16.84 16.03 1.23
N ALA A 97 16.68 17.21 1.83
CA ALA A 97 16.49 18.43 1.08
C ALA A 97 17.08 19.61 1.83
N ARG A 98 17.11 20.76 1.16
CA ARG A 98 17.65 21.98 1.72
C ARG A 98 16.60 23.08 1.62
N ASN A 99 16.49 23.92 2.66
CA ASN A 99 15.68 25.15 2.54
C ASN A 99 16.36 26.36 3.16
N LEU A 100 15.81 27.56 2.96
CA LEU A 100 16.40 28.78 3.50
C LEU A 100 15.44 29.52 4.43
N GLY A 101 15.87 29.68 5.69
CA GLY A 101 15.10 30.45 6.65
C GLY A 101 13.71 29.87 6.89
N PRO A 102 12.68 30.73 6.97
CA PRO A 102 11.37 30.27 7.42
C PRO A 102 10.48 29.67 6.34
N SER A 103 10.89 29.75 5.08
CA SER A 103 10.06 29.28 3.99
C SER A 103 10.55 27.91 3.52
N PHE A 104 9.75 26.88 3.80
CA PHE A 104 10.22 25.51 3.61
C PHE A 104 9.90 24.93 2.23
N TYR A 105 10.26 25.66 1.17
CA TYR A 105 10.28 25.05 -0.15
C TYR A 105 11.69 24.57 -0.44
N PHE A 106 11.80 23.58 -1.32
CA PHE A 106 13.06 22.84 -1.42
C PHE A 106 13.69 22.95 -2.79
N ASP A 107 14.77 23.71 -2.85
CA ASP A 107 15.47 23.93 -4.12
C ASP A 107 16.40 22.75 -4.49
N TYR A 108 16.99 22.11 -3.49
CA TYR A 108 17.88 20.98 -3.73
C TYR A 108 17.44 19.75 -2.95
N TRP A 109 17.42 18.63 -3.67
CA TRP A 109 17.04 17.35 -3.09
C TRP A 109 18.14 16.34 -3.36
N GLY A 110 18.29 15.37 -2.45
CA GLY A 110 19.07 14.17 -2.72
C GLY A 110 18.38 13.30 -3.74
N GLN A 111 19.03 12.19 -4.11
CA GLN A 111 18.50 11.30 -5.15
C GLN A 111 17.35 10.42 -4.64
N GLY A 112 17.29 10.25 -3.32
CA GLY A 112 16.31 9.40 -2.69
C GLY A 112 16.86 8.02 -2.42
N THR A 113 16.50 7.46 -1.27
CA THR A 113 16.92 6.11 -0.96
C THR A 113 15.72 5.34 -0.36
N LEU A 114 15.52 4.13 -0.83
CA LEU A 114 14.36 3.35 -0.41
C LEU A 114 14.63 2.66 0.93
N VAL A 115 13.78 2.94 1.92
CA VAL A 115 13.72 2.13 3.12
C VAL A 115 12.51 1.20 3.04
N THR A 116 12.76 -0.10 3.11
CA THR A 116 11.72 -1.11 3.10
C THR A 116 11.63 -1.71 4.49
N VAL A 117 10.43 -1.68 5.05
CA VAL A 117 10.16 -2.28 6.34
C VAL A 117 9.32 -3.53 6.17
N SER A 118 9.90 -4.69 6.42
CA SER A 118 9.25 -5.97 6.07
C SER A 118 9.74 -7.15 6.88
N SER A 119 8.88 -8.16 6.99
CA SER A 119 9.15 -9.43 7.66
C SER A 119 10.14 -10.29 6.90
N ALA A 120 10.20 -10.09 5.59
CA ALA A 120 11.03 -10.94 4.74
C ALA A 120 12.52 -10.65 4.94
N SER A 121 13.37 -11.53 4.42
CA SER A 121 14.82 -11.32 4.47
C SER A 121 15.39 -10.86 3.12
N THR A 122 16.53 -10.17 3.16
CA THR A 122 17.23 -9.77 1.95
C THR A 122 17.63 -11.01 1.20
N LYS A 123 17.71 -10.90 -0.13
CA LYS A 123 18.19 -12.00 -0.95
C LYS A 123 18.89 -11.45 -2.18
N GLY A 124 20.18 -11.75 -2.31
CA GLY A 124 20.94 -11.41 -3.51
C GLY A 124 20.38 -12.13 -4.74
N PRO A 125 20.52 -11.53 -5.92
CA PRO A 125 20.01 -12.15 -7.13
C PRO A 125 20.81 -13.36 -7.57
N SER A 126 20.13 -14.32 -8.20
CA SER A 126 20.79 -15.30 -9.06
C SER A 126 20.90 -14.68 -10.48
N VAL A 127 22.11 -14.47 -10.98
CA VAL A 127 22.30 -13.86 -12.31
C VAL A 127 22.64 -14.93 -13.37
N PHE A 128 21.85 -15.00 -14.44
CA PHE A 128 22.08 -15.98 -15.52
C PHE A 128 22.40 -15.28 -16.86
N PRO A 129 23.35 -15.81 -17.66
CA PRO A 129 23.58 -15.18 -18.96
C PRO A 129 22.47 -15.49 -19.98
N LEU A 130 22.12 -14.55 -20.84
CA LEU A 130 21.17 -14.84 -21.92
C LEU A 130 21.95 -14.84 -23.20
N ALA A 131 22.27 -16.04 -23.68
CA ALA A 131 23.21 -16.21 -24.78
C ALA A 131 22.74 -15.49 -26.05
N PRO A 132 23.70 -14.93 -26.81
CA PRO A 132 23.39 -14.19 -28.04
C PRO A 132 22.65 -15.07 -29.04
N SER A 133 21.64 -14.50 -29.68
CA SER A 133 20.81 -15.24 -30.63
C SER A 133 20.22 -14.27 -31.66
N SER A 134 20.35 -14.58 -32.94
CA SER A 134 19.67 -13.78 -33.97
C SER A 134 18.14 -13.98 -33.92
N LYS A 135 17.71 -15.22 -33.75
CA LYS A 135 16.31 -15.60 -33.70
C LYS A 135 15.54 -15.18 -32.44
N SER A 136 16.20 -14.51 -31.51
CA SER A 136 15.55 -14.05 -30.29
C SER A 136 14.70 -12.81 -30.52
N THR A 137 15.06 -11.97 -31.49
CA THR A 137 14.38 -10.66 -31.72
C THR A 137 13.37 -10.69 -32.87
N SER A 138 12.47 -9.72 -32.86
CA SER A 138 11.43 -9.65 -33.89
C SER A 138 11.90 -8.75 -35.05
N GLY A 139 13.03 -8.08 -34.86
CA GLY A 139 13.43 -6.96 -35.72
C GLY A 139 14.79 -7.08 -36.39
N GLY A 140 15.33 -8.29 -36.46
CA GLY A 140 16.48 -8.55 -37.29
C GLY A 140 17.79 -7.90 -36.88
N THR A 141 18.01 -7.85 -35.58
CA THR A 141 19.33 -7.62 -35.05
C THR A 141 19.53 -8.73 -34.02
N ALA A 142 20.75 -8.95 -33.56
CA ALA A 142 20.94 -10.00 -32.57
C ALA A 142 20.91 -9.42 -31.15
N ALA A 143 20.68 -10.27 -30.15
CA ALA A 143 20.66 -9.75 -28.77
C ALA A 143 21.24 -10.73 -27.78
N LEU A 144 21.81 -10.21 -26.71
CA LEU A 144 22.25 -11.04 -25.61
C LEU A 144 21.84 -10.32 -24.35
N GLY A 145 21.97 -10.96 -23.18
CA GLY A 145 21.62 -10.28 -21.94
C GLY A 145 21.96 -11.01 -20.66
N CYS A 146 21.38 -10.50 -19.57
CA CYS A 146 21.48 -11.06 -18.24
C CYS A 146 20.10 -11.04 -17.62
N LEU A 147 19.69 -12.19 -17.13
CA LEU A 147 18.51 -12.33 -16.31
C LEU A 147 18.96 -12.22 -14.86
N VAL A 148 18.40 -11.23 -14.17
CA VAL A 148 18.71 -10.98 -12.76
C VAL A 148 17.51 -11.50 -11.98
N LYS A 149 17.64 -12.68 -11.41
CA LYS A 149 16.48 -13.41 -10.93
C LYS A 149 16.38 -13.48 -9.41
N ASP A 150 15.17 -13.29 -8.87
CA ASP A 150 14.86 -13.68 -7.45
C ASP A 150 15.62 -12.94 -6.34
N TYR A 151 15.55 -11.60 -6.34
CA TYR A 151 16.22 -10.80 -5.31
C TYR A 151 15.19 -10.03 -4.49
N PHE A 152 15.59 -9.58 -3.31
CA PHE A 152 14.72 -8.75 -2.50
C PHE A 152 15.58 -7.93 -1.55
N PRO A 153 15.26 -6.65 -1.33
CA PRO A 153 14.26 -5.80 -1.99
C PRO A 153 14.87 -5.14 -3.24
N GLU A 154 14.12 -4.25 -3.89
CA GLU A 154 14.67 -3.25 -4.82
C GLU A 154 15.64 -2.35 -4.03
N PRO A 155 16.60 -1.69 -4.69
CA PRO A 155 16.90 -1.67 -6.11
C PRO A 155 18.10 -2.53 -6.50
N VAL A 156 18.17 -2.87 -7.78
CA VAL A 156 19.35 -3.43 -8.41
C VAL A 156 19.81 -2.41 -9.46
N THR A 157 21.12 -2.24 -9.62
CA THR A 157 21.67 -1.51 -10.76
C THR A 157 22.43 -2.46 -11.66
N VAL A 158 22.41 -2.18 -12.95
CA VAL A 158 23.13 -2.98 -13.94
C VAL A 158 23.97 -2.05 -14.79
N SER A 159 25.19 -2.46 -15.06
CA SER A 159 26.00 -1.82 -16.08
C SER A 159 26.64 -2.97 -16.85
N TRP A 160 27.33 -2.66 -17.95
CA TRP A 160 28.02 -3.67 -18.71
C TRP A 160 29.46 -3.25 -18.84
N ASN A 161 30.36 -4.22 -18.69
CA ASN A 161 31.81 -4.01 -18.79
C ASN A 161 32.26 -2.83 -17.94
N SER A 162 31.77 -2.80 -16.69
CA SER A 162 32.09 -1.78 -15.66
C SER A 162 31.83 -0.35 -16.09
N GLY A 163 30.82 -0.19 -16.96
CA GLY A 163 30.39 1.11 -17.41
C GLY A 163 30.96 1.52 -18.75
N ALA A 164 31.83 0.69 -19.31
CA ALA A 164 32.42 1.01 -20.61
C ALA A 164 31.46 0.77 -21.76
N LEU A 165 30.46 -0.08 -21.55
CA LEU A 165 29.50 -0.37 -22.62
C LEU A 165 28.14 0.23 -22.28
N THR A 166 27.72 1.23 -23.04
CA THR A 166 26.44 1.90 -22.79
C THR A 166 25.53 1.85 -24.02
N SER A 167 26.15 1.82 -25.20
CA SER A 167 25.42 1.81 -26.45
C SER A 167 24.68 0.50 -26.66
N GLY A 168 23.40 0.60 -27.06
CA GLY A 168 22.62 -0.58 -27.34
C GLY A 168 22.19 -1.38 -26.11
N VAL A 169 22.35 -0.80 -24.92
CA VAL A 169 21.96 -1.48 -23.70
C VAL A 169 20.54 -1.06 -23.30
N HIS A 170 19.70 -2.04 -23.01
CA HIS A 170 18.38 -1.74 -22.45
C HIS A 170 18.15 -2.57 -21.19
N THR A 171 17.99 -1.89 -20.08
CA THR A 171 17.73 -2.51 -18.82
C THR A 171 16.26 -2.34 -18.48
N PHE A 172 15.56 -3.44 -18.27
CA PHE A 172 14.10 -3.39 -18.07
C PHE A 172 13.75 -3.29 -16.60
N PRO A 173 12.64 -2.60 -16.29
CA PRO A 173 12.19 -2.52 -14.88
C PRO A 173 11.82 -3.88 -14.31
N ALA A 174 11.98 -4.05 -13.00
CA ALA A 174 11.74 -5.33 -12.36
C ALA A 174 10.26 -5.69 -12.34
N VAL A 175 10.00 -6.99 -12.46
CA VAL A 175 8.72 -7.59 -12.10
C VAL A 175 8.81 -8.11 -10.67
N LEU A 176 7.71 -7.99 -9.92
CA LEU A 176 7.56 -8.59 -8.61
C LEU A 176 6.77 -9.88 -8.78
N GLN A 177 7.38 -11.01 -8.51
CA GLN A 177 6.68 -12.27 -8.65
C GLN A 177 5.79 -12.56 -7.46
N SER A 178 4.91 -13.56 -7.61
CA SER A 178 4.01 -13.98 -6.54
C SER A 178 4.74 -14.56 -5.33
N SER A 179 5.90 -15.16 -5.61
CA SER A 179 6.83 -15.61 -4.58
C SER A 179 7.35 -14.48 -3.66
N GLY A 180 7.12 -13.21 -4.01
CA GLY A 180 7.59 -12.07 -3.22
C GLY A 180 8.97 -11.54 -3.58
N LEU A 181 9.61 -12.16 -4.57
CA LEU A 181 10.93 -11.76 -5.08
C LEU A 181 10.84 -11.07 -6.45
N TYR A 182 11.83 -10.23 -6.72
CA TYR A 182 11.94 -9.46 -7.98
C TYR A 182 12.84 -10.16 -8.96
N SER A 183 12.52 -9.97 -10.24
CA SER A 183 13.41 -10.35 -11.34
C SER A 183 13.47 -9.19 -12.37
N LEU A 184 14.65 -8.95 -12.95
CA LEU A 184 14.76 -7.99 -14.06
C LEU A 184 15.71 -8.51 -15.14
N SER A 185 15.74 -7.84 -16.28
CA SER A 185 16.65 -8.23 -17.35
C SER A 185 17.32 -7.02 -17.93
N SER A 186 18.50 -7.23 -18.47
CA SER A 186 19.22 -6.21 -19.22
C SER A 186 19.67 -6.85 -20.52
N VAL A 187 19.44 -6.17 -21.63
CA VAL A 187 19.72 -6.73 -22.95
C VAL A 187 20.73 -5.83 -23.68
N VAL A 188 21.60 -6.43 -24.50
CA VAL A 188 22.55 -5.65 -25.29
C VAL A 188 22.32 -6.03 -26.73
N THR A 189 22.12 -5.03 -27.60
CA THR A 189 21.99 -5.28 -29.05
C THR A 189 23.37 -5.51 -29.65
N VAL A 190 23.58 -6.64 -30.33
CA VAL A 190 24.89 -7.01 -30.92
C VAL A 190 24.75 -7.40 -32.41
N PRO A 191 25.87 -7.44 -33.18
CA PRO A 191 25.74 -7.80 -34.61
C PRO A 191 25.22 -9.24 -34.85
N SER A 192 25.84 -10.24 -34.24
CA SER A 192 25.40 -11.62 -34.44
C SER A 192 25.60 -12.43 -33.17
N SER A 193 25.37 -13.74 -33.27
CA SER A 193 25.55 -14.62 -32.14
C SER A 193 27.01 -15.07 -31.98
N SER A 194 27.88 -14.60 -32.86
CA SER A 194 29.32 -14.86 -32.72
C SER A 194 29.98 -13.58 -32.18
N LEU A 195 30.70 -13.72 -31.08
CA LEU A 195 31.09 -12.54 -30.32
C LEU A 195 32.52 -12.12 -30.61
N GLY A 196 33.28 -13.03 -31.20
CA GLY A 196 34.61 -12.71 -31.71
C GLY A 196 35.51 -12.32 -30.57
N THR A 197 36.03 -11.10 -30.64
CA THR A 197 36.91 -10.56 -29.62
C THR A 197 36.20 -9.55 -28.69
N GLN A 198 34.86 -9.50 -28.77
CA GLN A 198 34.10 -8.68 -27.84
C GLN A 198 33.88 -9.43 -26.53
N THR A 199 33.92 -8.71 -25.43
CA THR A 199 33.62 -9.29 -24.15
C THR A 199 32.33 -8.61 -23.69
N TYR A 200 31.45 -9.38 -23.05
CA TYR A 200 30.23 -8.78 -22.48
C TYR A 200 30.04 -9.29 -21.07
N ILE A 201 30.19 -8.42 -20.10
CA ILE A 201 30.00 -8.80 -18.72
C ILE A 201 29.00 -7.86 -18.10
N CYS A 202 27.94 -8.41 -17.51
CA CYS A 202 26.98 -7.54 -16.85
C CYS A 202 27.28 -7.46 -15.36
N ASN A 203 27.38 -6.23 -14.87
CA ASN A 203 27.67 -5.97 -13.47
C ASN A 203 26.37 -5.61 -12.78
N VAL A 204 25.97 -6.50 -11.88
CA VAL A 204 24.70 -6.39 -11.16
C VAL A 204 25.01 -6.06 -9.71
N ASN A 205 24.67 -4.84 -9.32
CA ASN A 205 24.87 -4.39 -7.94
C ASN A 205 23.57 -4.39 -7.15
N HIS A 206 23.54 -5.21 -6.12
CA HIS A 206 22.42 -5.23 -5.18
C HIS A 206 22.88 -4.76 -3.78
N LYS A 207 22.95 -3.44 -3.62
CA LYS A 207 23.36 -2.83 -2.35
C LYS A 207 22.63 -3.36 -1.10
N PRO A 208 21.31 -3.66 -1.20
CA PRO A 208 20.59 -4.05 0.04
C PRO A 208 21.10 -5.35 0.67
N SER A 209 21.62 -6.25 -0.15
CA SER A 209 22.20 -7.49 0.36
C SER A 209 23.73 -7.49 0.35
N ASN A 210 24.36 -6.35 0.08
CA ASN A 210 25.81 -6.25 -0.08
C ASN A 210 26.37 -7.29 -1.05
N THR A 211 25.69 -7.48 -2.19
CA THR A 211 26.10 -8.46 -3.20
C THR A 211 26.25 -7.80 -4.59
N LYS A 212 27.40 -8.05 -5.25
CA LYS A 212 27.55 -7.72 -6.67
C LYS A 212 27.91 -8.99 -7.39
N VAL A 213 27.36 -9.13 -8.60
CA VAL A 213 27.63 -10.27 -9.41
C VAL A 213 28.03 -9.71 -10.77
N ASP A 214 29.09 -10.27 -11.36
CA ASP A 214 29.57 -9.82 -12.67
C ASP A 214 29.54 -11.04 -13.55
N LYS A 215 28.52 -11.12 -14.41
CA LYS A 215 28.29 -12.34 -15.16
C LYS A 215 28.78 -12.29 -16.60
N LYS A 216 29.56 -13.30 -16.99
CA LYS A 216 30.11 -13.36 -18.33
C LYS A 216 29.04 -13.87 -19.28
N VAL A 217 28.86 -13.23 -20.43
CA VAL A 217 27.86 -13.73 -21.41
C VAL A 217 28.51 -14.21 -22.69
N GLU A 218 28.29 -15.47 -23.01
CA GLU A 218 28.94 -16.12 -24.14
C GLU A 218 27.98 -16.95 -24.97
N PRO A 219 28.38 -17.32 -26.21
CA PRO A 219 27.54 -18.15 -27.10
C PRO A 219 27.22 -19.50 -26.47
N LYS A 220 26.04 -20.03 -26.79
CA LYS A 220 25.65 -21.37 -26.35
C LYS A 220 26.66 -22.40 -26.89
N ASP B 1 -6.04 19.16 9.72
CA ASP B 1 -4.79 19.91 9.43
C ASP B 1 -5.02 20.83 8.20
N ILE B 2 -3.96 21.50 7.74
CA ILE B 2 -4.00 22.32 6.52
C ILE B 2 -4.05 21.43 5.27
N GLN B 3 -5.03 21.67 4.40
CA GLN B 3 -5.23 20.83 3.22
C GLN B 3 -4.85 21.56 1.94
N MET B 4 -4.14 20.83 1.07
CA MET B 4 -3.81 21.30 -0.27
C MET B 4 -4.38 20.30 -1.26
N THR B 5 -5.35 20.74 -2.04
CA THR B 5 -6.23 19.88 -2.80
C THR B 5 -6.10 20.20 -4.27
N GLN B 6 -5.41 19.33 -5.00
CA GLN B 6 -5.15 19.56 -6.41
C GLN B 6 -6.26 19.02 -7.29
N SER B 7 -6.40 19.65 -8.45
CA SER B 7 -7.40 19.30 -9.42
C SER B 7 -6.91 19.67 -10.83
N PRO B 8 -7.13 18.79 -11.83
CA PRO B 8 -7.73 17.45 -11.64
C PRO B 8 -6.67 16.52 -11.05
N SER B 9 -7.02 15.26 -10.86
CA SER B 9 -6.06 14.29 -10.30
C SER B 9 -5.08 13.80 -11.37
N SER B 10 -5.58 13.68 -12.59
CA SER B 10 -4.75 13.33 -13.73
C SER B 10 -5.27 14.01 -14.99
N LEU B 11 -4.37 14.19 -15.94
CA LEU B 11 -4.72 14.76 -17.23
C LEU B 11 -3.99 14.05 -18.37
N SER B 12 -4.76 13.74 -19.41
CA SER B 12 -4.19 13.34 -20.69
C SER B 12 -4.22 14.58 -21.57
N ALA B 13 -3.06 14.94 -22.15
CA ALA B 13 -2.95 16.12 -23.03
C ALA B 13 -1.90 15.94 -24.14
N SER B 14 -2.06 16.70 -25.22
CA SER B 14 -1.22 16.54 -26.41
C SER B 14 -0.12 17.59 -26.51
N VAL B 15 0.96 17.24 -27.20
CA VAL B 15 2.09 18.16 -27.42
C VAL B 15 1.57 19.47 -28.01
N GLY B 16 1.91 20.58 -27.37
CA GLY B 16 1.47 21.90 -27.79
C GLY B 16 0.21 22.41 -27.11
N ASP B 17 -0.41 21.60 -26.26
CA ASP B 17 -1.60 22.03 -25.50
C ASP B 17 -1.23 22.99 -24.35
N ARG B 18 -2.17 23.87 -24.03
CA ARG B 18 -2.13 24.65 -22.79
C ARG B 18 -2.79 23.83 -21.68
N VAL B 19 -2.08 23.67 -20.56
CA VAL B 19 -2.55 22.88 -19.43
C VAL B 19 -2.64 23.73 -18.17
N THR B 20 -3.77 23.64 -17.47
CA THR B 20 -4.01 24.38 -16.24
C THR B 20 -4.30 23.46 -15.05
N ILE B 21 -3.38 23.45 -14.08
CA ILE B 21 -3.56 22.71 -12.83
C ILE B 21 -3.91 23.68 -11.71
N THR B 22 -4.88 23.26 -10.89
CA THR B 22 -5.39 24.05 -9.78
C THR B 22 -4.96 23.43 -8.46
N CYS B 23 -4.79 24.29 -7.45
CA CYS B 23 -4.46 23.87 -6.11
C CYS B 23 -5.19 24.76 -5.14
N LYS B 24 -6.05 24.17 -4.31
CA LYS B 24 -6.87 24.90 -3.37
C LYS B 24 -6.40 24.71 -1.94
N ALA B 25 -6.04 25.79 -1.25
CA ALA B 25 -5.64 25.69 0.15
C ALA B 25 -6.83 25.77 1.09
N SER B 26 -6.75 25.09 2.23
CA SER B 26 -7.87 25.02 3.17
C SER B 26 -8.08 26.31 3.97
N GLN B 27 -7.06 27.18 3.94
CA GLN B 27 -7.09 28.48 4.59
C GLN B 27 -6.18 29.43 3.80
N ASP B 28 -6.34 30.73 4.01
CA ASP B 28 -5.53 31.75 3.34
C ASP B 28 -4.05 31.48 3.63
N VAL B 29 -3.25 31.32 2.58
CA VAL B 29 -1.81 31.09 2.76
C VAL B 29 -0.96 32.16 2.04
N SER B 30 -1.63 33.25 1.67
CA SER B 30 -1.00 34.42 1.01
C SER B 30 -0.41 33.99 -0.32
N ILE B 31 0.89 34.13 -0.48
CA ILE B 31 1.57 33.60 -1.67
C ILE B 31 2.65 32.59 -1.26
N GLY B 32 2.46 31.95 -0.11
CA GLY B 32 3.43 30.98 0.42
C GLY B 32 3.25 29.61 -0.21
N VAL B 33 3.33 29.55 -1.53
CA VAL B 33 2.98 28.34 -2.28
C VAL B 33 4.03 28.08 -3.35
N ALA B 34 4.47 26.81 -3.45
CA ALA B 34 5.44 26.37 -4.44
C ALA B 34 4.89 25.22 -5.28
N TRP B 35 5.40 25.09 -6.50
CA TRP B 35 5.10 24.00 -7.41
C TRP B 35 6.36 23.20 -7.73
N TYR B 36 6.19 21.90 -7.84
CA TYR B 36 7.30 21.00 -8.10
C TYR B 36 6.90 20.08 -9.23
N GLN B 37 7.92 19.61 -9.96
CA GLN B 37 7.74 18.61 -11.00
C GLN B 37 8.48 17.34 -10.58
N GLN B 38 7.82 16.21 -10.71
CA GLN B 38 8.51 14.94 -10.43
C GLN B 38 8.28 13.85 -11.48
N LYS B 39 9.38 13.32 -11.99
CA LYS B 39 9.37 12.19 -12.89
C LYS B 39 9.64 10.88 -12.15
N PRO B 40 9.02 9.77 -12.61
CA PRO B 40 9.21 8.42 -12.08
C PRO B 40 10.64 8.21 -11.57
N GLY B 41 10.76 7.83 -10.30
CA GLY B 41 12.04 7.45 -9.73
C GLY B 41 13.07 8.56 -9.63
N LYS B 42 12.61 9.81 -9.71
CA LYS B 42 13.51 10.94 -9.55
C LYS B 42 13.01 11.89 -8.47
N ALA B 43 13.93 12.67 -7.90
CA ALA B 43 13.56 13.68 -6.92
C ALA B 43 12.68 14.74 -7.57
N PRO B 44 11.76 15.33 -6.79
CA PRO B 44 11.01 16.47 -7.31
C PRO B 44 11.96 17.63 -7.65
N LYS B 45 11.58 18.45 -8.62
CA LYS B 45 12.34 19.64 -9.01
C LYS B 45 11.48 20.87 -8.74
N LEU B 46 12.04 21.86 -8.08
CA LEU B 46 11.32 23.09 -7.75
C LEU B 46 11.05 23.84 -9.05
N LEU B 47 9.79 24.19 -9.29
CA LEU B 47 9.44 24.99 -10.45
C LEU B 47 9.15 26.45 -10.11
N ILE B 48 8.26 26.64 -9.13
CA ILE B 48 7.68 27.94 -8.79
C ILE B 48 7.72 28.13 -7.27
N TYR B 49 8.10 29.34 -6.84
CA TYR B 49 7.99 29.74 -5.45
C TYR B 49 7.28 31.12 -5.33
N SER B 50 6.83 31.44 -4.12
CA SER B 50 5.99 32.63 -3.91
C SER B 50 4.85 32.68 -4.91
N ALA B 51 4.25 31.52 -5.21
CA ALA B 51 3.06 31.45 -6.07
C ALA B 51 3.27 31.77 -7.56
N SER B 52 4.18 32.69 -7.88
CA SER B 52 4.31 33.15 -9.26
C SER B 52 5.74 33.36 -9.77
N TYR B 53 6.73 33.02 -8.96
CA TYR B 53 8.10 33.29 -9.34
C TYR B 53 8.77 32.02 -9.84
N ARG B 54 9.17 32.05 -11.10
CA ARG B 54 9.90 30.97 -11.75
C ARG B 54 11.23 30.76 -11.02
N TYR B 55 11.54 29.52 -10.67
CA TYR B 55 12.87 29.19 -10.16
C TYR B 55 13.91 29.30 -11.30
N THR B 56 15.16 29.54 -10.93
CA THR B 56 16.27 29.66 -11.90
C THR B 56 16.38 28.44 -12.83
N GLY B 57 16.30 28.70 -14.14
CA GLY B 57 16.49 27.66 -15.15
C GLY B 57 15.20 26.96 -15.54
N VAL B 58 14.12 27.30 -14.86
CA VAL B 58 12.79 26.82 -15.21
C VAL B 58 12.36 27.55 -16.48
N PRO B 59 11.92 26.79 -17.50
CA PRO B 59 11.47 27.37 -18.77
C PRO B 59 10.23 28.26 -18.60
N SER B 60 10.13 29.29 -19.45
CA SER B 60 9.12 30.32 -19.30
C SER B 60 7.69 29.84 -19.57
N ARG B 61 7.56 28.66 -20.17
CA ARG B 61 6.23 28.07 -20.41
C ARG B 61 5.51 27.63 -19.13
N PHE B 62 6.25 27.49 -18.04
CA PHE B 62 5.68 27.23 -16.72
C PHE B 62 5.41 28.54 -15.98
N SER B 63 4.15 28.76 -15.61
CA SER B 63 3.82 29.92 -14.81
C SER B 63 2.89 29.59 -13.65
N GLY B 64 3.13 30.24 -12.53
CA GLY B 64 2.20 30.21 -11.41
C GLY B 64 1.43 31.52 -11.25
N SER B 65 0.19 31.41 -10.79
CA SER B 65 -0.58 32.60 -10.44
C SER B 65 -1.41 32.32 -9.20
N GLY B 66 -1.92 33.39 -8.58
CA GLY B 66 -2.89 33.27 -7.51
C GLY B 66 -2.38 33.65 -6.15
N SER B 67 -3.29 33.70 -5.19
CA SER B 67 -3.01 34.04 -3.80
C SER B 67 -4.24 33.71 -3.00
N GLY B 68 -4.11 33.70 -1.68
CA GLY B 68 -5.22 33.39 -0.79
C GLY B 68 -5.46 31.90 -0.63
N THR B 69 -6.51 31.40 -1.28
CA THR B 69 -6.80 29.97 -1.25
C THR B 69 -6.71 29.31 -2.65
N ASP B 70 -6.72 30.10 -3.72
CA ASP B 70 -6.78 29.57 -5.10
C ASP B 70 -5.51 29.76 -5.94
N PHE B 71 -4.80 28.67 -6.20
CA PHE B 71 -3.55 28.74 -6.93
C PHE B 71 -3.60 27.92 -8.19
N THR B 72 -2.77 28.30 -9.16
CA THR B 72 -2.77 27.69 -10.47
C THR B 72 -1.36 27.54 -11.02
N LEU B 73 -1.12 26.40 -11.65
CA LEU B 73 0.08 26.20 -12.45
C LEU B 73 -0.35 26.04 -13.91
N THR B 74 0.27 26.80 -14.78
CA THR B 74 -0.06 26.79 -16.21
C THR B 74 1.16 26.34 -17.00
N ILE B 75 0.94 25.37 -17.89
CA ILE B 75 1.95 25.04 -18.89
C ILE B 75 1.37 25.39 -20.26
N SER B 76 1.83 26.52 -20.79
CA SER B 76 1.28 27.11 -22.03
C SER B 76 1.50 26.29 -23.30
N SER B 77 2.65 25.62 -23.40
CA SER B 77 2.95 24.86 -24.61
C SER B 77 3.66 23.55 -24.30
N LEU B 78 2.85 22.54 -24.03
CA LEU B 78 3.31 21.24 -23.56
C LEU B 78 4.30 20.57 -24.52
N GLN B 79 5.52 20.37 -24.04
CA GLN B 79 6.54 19.64 -24.81
C GLN B 79 6.66 18.19 -24.32
N PRO B 80 7.22 17.29 -25.15
CA PRO B 80 7.24 15.86 -24.80
C PRO B 80 7.82 15.52 -23.42
N GLU B 81 8.79 16.31 -22.97
CA GLU B 81 9.43 16.06 -21.68
C GLU B 81 8.65 16.64 -20.47
N ASP B 82 7.54 17.33 -20.71
CA ASP B 82 6.77 17.96 -19.62
C ASP B 82 5.89 16.96 -18.86
N PHE B 83 5.91 15.70 -19.29
CA PHE B 83 5.03 14.68 -18.73
C PHE B 83 5.59 14.05 -17.46
N ALA B 84 4.84 14.24 -16.37
CA ALA B 84 5.32 13.95 -15.02
C ALA B 84 4.20 14.26 -14.05
N THR B 85 4.49 14.15 -12.75
CA THR B 85 3.51 14.50 -11.73
C THR B 85 3.86 15.88 -11.16
N TYR B 86 2.86 16.75 -11.06
CA TYR B 86 3.07 18.09 -10.51
C TYR B 86 2.49 18.24 -9.11
N TYR B 87 3.30 18.73 -8.19
CA TYR B 87 2.88 18.99 -6.79
C TYR B 87 2.84 20.46 -6.47
N CYS B 88 1.75 20.94 -5.86
CA CYS B 88 1.73 22.24 -5.19
C CYS B 88 2.11 22.02 -3.73
N GLN B 89 2.52 23.08 -3.04
CA GLN B 89 2.92 23.00 -1.64
C GLN B 89 2.79 24.36 -0.96
N GLN B 90 2.19 24.38 0.22
CA GLN B 90 2.21 25.58 1.03
C GLN B 90 3.38 25.41 1.98
N TYR B 91 4.27 26.39 2.05
CA TYR B 91 5.56 26.16 2.71
C TYR B 91 5.87 27.06 3.89
N TYR B 92 4.93 27.91 4.27
CA TYR B 92 5.15 28.77 5.45
C TYR B 92 4.76 28.08 6.75
N ILE B 93 3.69 27.29 6.71
CA ILE B 93 3.10 26.77 7.93
C ILE B 93 3.30 25.28 8.09
N TYR B 94 3.94 24.92 9.21
CA TYR B 94 4.06 23.54 9.67
C TYR B 94 2.78 22.74 9.40
N PRO B 95 2.90 21.51 8.85
CA PRO B 95 4.06 20.76 8.37
C PRO B 95 4.32 20.86 6.85
N TYR B 96 4.05 22.02 6.26
CA TYR B 96 4.54 22.36 4.93
C TYR B 96 3.97 21.41 3.90
N THR B 97 2.65 21.32 3.92
CA THR B 97 1.86 20.31 3.26
C THR B 97 1.94 20.39 1.74
N PHE B 98 2.23 19.24 1.16
CA PHE B 98 2.14 19.06 -0.29
C PHE B 98 0.71 18.67 -0.70
N GLY B 99 0.31 19.11 -1.88
CA GLY B 99 -0.88 18.57 -2.54
C GLY B 99 -0.58 17.13 -2.92
N GLN B 100 -1.60 16.41 -3.39
CA GLN B 100 -1.48 14.98 -3.66
C GLN B 100 -0.98 14.69 -5.09
N GLY B 101 -0.77 15.75 -5.87
CA GLY B 101 -0.18 15.65 -7.19
C GLY B 101 -1.18 15.52 -8.32
N THR B 102 -0.82 16.08 -9.46
CA THR B 102 -1.57 15.94 -10.70
C THR B 102 -0.68 15.27 -11.74
N LYS B 103 -1.11 14.11 -12.21
CA LYS B 103 -0.37 13.34 -13.19
C LYS B 103 -0.73 13.85 -14.56
N VAL B 104 0.24 14.47 -15.23
CA VAL B 104 0.09 14.88 -16.62
C VAL B 104 0.74 13.81 -17.48
N GLU B 105 -0.09 13.02 -18.16
CA GLU B 105 0.38 11.97 -19.05
C GLU B 105 0.16 12.37 -20.51
N ILE B 106 0.94 11.75 -21.38
CA ILE B 106 0.95 12.10 -22.80
C ILE B 106 -0.14 11.39 -23.57
N LYS B 107 -0.69 12.07 -24.57
CA LYS B 107 -1.63 11.45 -25.50
C LYS B 107 -1.50 12.03 -26.92
N GLY B 108 -1.83 11.21 -27.90
CA GLY B 108 -1.80 11.62 -29.31
C GLY B 108 -0.44 11.57 -29.99
N GLN B 109 0.51 10.84 -29.41
CA GLN B 109 1.79 10.66 -30.08
C GLN B 109 1.74 9.47 -31.06
N PRO B 110 2.74 9.35 -31.95
CA PRO B 110 2.69 8.31 -33.00
C PRO B 110 2.62 6.90 -32.43
N LYS B 111 1.61 6.13 -32.83
CA LYS B 111 1.50 4.74 -32.42
C LYS B 111 2.69 3.95 -32.94
N ALA B 112 3.18 3.01 -32.12
CA ALA B 112 4.29 2.18 -32.53
C ALA B 112 4.07 0.78 -31.99
N ALA B 113 4.36 -0.23 -32.84
CA ALA B 113 4.21 -1.65 -32.50
C ALA B 113 5.43 -2.14 -31.70
N PRO B 114 5.23 -3.06 -30.75
CA PRO B 114 6.33 -3.46 -29.86
C PRO B 114 7.39 -4.31 -30.55
N SER B 115 8.66 -4.09 -30.22
CA SER B 115 9.69 -5.05 -30.54
C SER B 115 9.72 -6.07 -29.43
N VAL B 116 9.91 -7.33 -29.81
CA VAL B 116 9.82 -8.42 -28.88
C VAL B 116 11.10 -9.23 -28.96
N THR B 117 11.67 -9.53 -27.79
CA THR B 117 12.89 -10.32 -27.68
C THR B 117 12.60 -11.42 -26.69
N LEU B 118 12.80 -12.66 -27.13
CA LEU B 118 12.51 -13.83 -26.32
C LEU B 118 13.76 -14.71 -26.09
N PHE B 119 14.14 -14.95 -24.84
CA PHE B 119 15.23 -15.87 -24.53
C PHE B 119 14.76 -17.16 -23.85
N PRO B 120 15.36 -18.31 -24.22
CA PRO B 120 15.11 -19.57 -23.53
C PRO B 120 15.91 -19.66 -22.23
N PRO B 121 15.64 -20.70 -21.40
CA PRO B 121 16.41 -20.85 -20.17
C PRO B 121 17.88 -21.03 -20.49
N SER B 122 18.75 -20.48 -19.65
CA SER B 122 20.19 -20.70 -19.84
C SER B 122 20.59 -22.09 -19.39
N SER B 123 21.68 -22.62 -19.94
CA SER B 123 22.19 -23.92 -19.49
C SER B 123 22.57 -23.90 -18.00
N GLU B 124 23.06 -22.76 -17.51
CA GLU B 124 23.27 -22.57 -16.07
C GLU B 124 21.94 -22.67 -15.31
N GLU B 125 20.91 -21.93 -15.69
CA GLU B 125 19.63 -22.06 -14.95
C GLU B 125 19.09 -23.51 -14.87
N LEU B 126 19.11 -24.22 -16.00
CA LEU B 126 18.60 -25.59 -16.07
C LEU B 126 19.35 -26.52 -15.12
N GLN B 127 20.66 -26.30 -14.97
CA GLN B 127 21.48 -27.14 -14.11
C GLN B 127 21.22 -26.88 -12.64
N ALA B 128 20.67 -25.71 -12.34
CA ALA B 128 20.20 -25.39 -11.01
C ALA B 128 18.74 -25.85 -10.86
N ASN B 129 18.33 -26.75 -11.76
CA ASN B 129 16.98 -27.29 -11.79
C ASN B 129 15.87 -26.22 -11.76
N LYS B 130 16.09 -25.14 -12.51
CA LYS B 130 15.09 -24.11 -12.74
C LYS B 130 15.06 -23.75 -14.24
N ALA B 131 14.00 -23.10 -14.68
CA ALA B 131 13.90 -22.72 -16.07
C ALA B 131 13.01 -21.50 -16.14
N THR B 132 13.49 -20.45 -16.82
CA THR B 132 12.77 -19.20 -17.00
C THR B 132 12.85 -18.76 -18.45
N LEU B 133 11.69 -18.56 -19.08
CA LEU B 133 11.63 -17.91 -20.39
C LEU B 133 11.49 -16.40 -20.19
N VAL B 134 12.24 -15.61 -20.98
CA VAL B 134 12.29 -14.15 -20.79
C VAL B 134 11.83 -13.39 -22.04
N CYS B 135 10.76 -12.63 -21.91
CA CYS B 135 10.15 -11.97 -23.04
C CYS B 135 10.17 -10.46 -22.81
N LEU B 136 10.99 -9.76 -23.59
CA LEU B 136 11.27 -8.36 -23.38
C LEU B 136 10.61 -7.58 -24.50
N ILE B 137 9.88 -6.54 -24.10
CA ILE B 137 8.99 -5.86 -25.02
C ILE B 137 9.33 -4.39 -24.95
N SER B 138 9.65 -3.79 -26.07
CA SER B 138 10.08 -2.41 -26.05
C SER B 138 9.56 -1.59 -27.22
N ASP B 139 9.67 -0.27 -27.07
CA ASP B 139 9.44 0.67 -28.18
C ASP B 139 8.00 0.71 -28.64
N PHE B 140 7.04 0.53 -27.74
CA PHE B 140 5.64 0.61 -28.11
C PHE B 140 4.95 1.85 -27.56
N TYR B 141 3.96 2.32 -28.30
CA TYR B 141 3.08 3.41 -27.87
C TYR B 141 1.72 3.20 -28.52
N PRO B 142 0.62 3.35 -27.75
CA PRO B 142 0.50 3.73 -26.33
C PRO B 142 1.00 2.65 -25.38
N GLY B 143 1.08 3.01 -24.10
CA GLY B 143 1.67 2.13 -23.13
C GLY B 143 0.73 1.07 -22.60
N ALA B 144 0.26 0.19 -23.48
CA ALA B 144 -0.53 -0.96 -23.06
C ALA B 144 -0.25 -2.17 -23.93
N VAL B 145 -0.03 -3.31 -23.27
CA VAL B 145 0.16 -4.58 -23.93
C VAL B 145 -0.46 -5.68 -23.08
N THR B 146 -0.81 -6.77 -23.73
CA THR B 146 -1.15 -7.99 -23.02
C THR B 146 -0.27 -9.07 -23.60
N VAL B 147 0.04 -10.08 -22.79
CA VAL B 147 0.99 -11.09 -23.17
C VAL B 147 0.38 -12.44 -22.87
N ALA B 148 0.44 -13.33 -23.85
CA ALA B 148 0.01 -14.68 -23.61
C ALA B 148 1.16 -15.60 -23.98
N TRP B 149 1.25 -16.71 -23.29
CA TRP B 149 2.26 -17.72 -23.57
C TRP B 149 1.61 -19.00 -24.04
N LYS B 150 2.28 -19.71 -24.95
CA LYS B 150 1.83 -21.01 -25.41
C LYS B 150 2.94 -22.05 -25.22
N ALA B 151 2.56 -23.23 -24.72
CA ALA B 151 3.42 -24.41 -24.83
C ALA B 151 2.91 -25.18 -26.04
N ASP B 152 3.80 -25.40 -27.00
CA ASP B 152 3.38 -25.79 -28.34
C ASP B 152 2.26 -24.86 -28.76
N SER B 153 1.06 -25.40 -28.89
CA SER B 153 -0.12 -24.62 -29.29
C SER B 153 -1.08 -24.31 -28.15
N SER B 154 -0.76 -24.76 -26.94
CA SER B 154 -1.68 -24.63 -25.82
C SER B 154 -1.34 -23.46 -24.91
N PRO B 155 -2.36 -22.67 -24.54
CA PRO B 155 -2.15 -21.54 -23.65
C PRO B 155 -1.66 -22.00 -22.29
N VAL B 156 -0.65 -21.33 -21.75
CA VAL B 156 -0.15 -21.66 -20.43
C VAL B 156 -0.40 -20.50 -19.47
N LYS B 157 -1.10 -20.81 -18.39
CA LYS B 157 -1.51 -19.81 -17.38
C LYS B 157 -0.56 -19.70 -16.17
N ALA B 158 -0.22 -20.84 -15.56
CA ALA B 158 0.64 -20.84 -14.38
C ALA B 158 2.04 -20.34 -14.70
N GLY B 159 2.63 -19.59 -13.78
CA GLY B 159 4.04 -19.23 -13.85
C GLY B 159 4.38 -18.05 -14.74
N VAL B 160 3.36 -17.31 -15.17
CA VAL B 160 3.52 -16.08 -15.95
C VAL B 160 3.58 -14.91 -14.98
N GLU B 161 4.56 -14.03 -15.14
CA GLU B 161 4.64 -12.76 -14.40
C GLU B 161 4.95 -11.69 -15.42
N THR B 162 4.13 -10.65 -15.47
CA THR B 162 4.28 -9.62 -16.46
C THR B 162 4.30 -8.26 -15.76
N THR B 163 5.23 -7.40 -16.15
CA THR B 163 5.29 -6.06 -15.57
C THR B 163 4.15 -5.22 -16.10
N THR B 164 3.89 -4.12 -15.42
CA THR B 164 3.10 -3.02 -15.96
C THR B 164 3.98 -2.27 -16.95
N PRO B 165 3.39 -1.71 -18.02
CA PRO B 165 4.30 -1.00 -18.93
C PRO B 165 4.90 0.24 -18.28
N SER B 166 6.08 0.68 -18.69
CA SER B 166 6.63 1.93 -18.18
C SER B 166 7.35 2.68 -19.27
N LYS B 167 7.41 4.01 -19.17
CA LYS B 167 8.05 4.90 -20.15
C LYS B 167 9.55 4.71 -20.27
N GLN B 168 10.03 4.46 -21.49
CA GLN B 168 11.46 4.59 -21.80
C GLN B 168 11.86 6.09 -21.92
N SER B 169 13.17 6.35 -21.99
CA SER B 169 13.67 7.73 -22.07
C SER B 169 13.32 8.40 -23.41
N ASN B 170 12.74 7.63 -24.31
CA ASN B 170 12.31 8.13 -25.61
C ASN B 170 10.79 8.27 -25.72
N ASN B 171 10.11 8.21 -24.56
CA ASN B 171 8.64 8.40 -24.46
C ASN B 171 7.82 7.31 -25.15
N LYS B 172 8.47 6.20 -25.41
CA LYS B 172 7.78 4.98 -25.76
C LYS B 172 7.84 4.12 -24.54
N TYR B 173 7.30 2.91 -24.61
CA TYR B 173 7.11 2.13 -23.42
C TYR B 173 7.85 0.80 -23.48
N ALA B 174 8.09 0.23 -22.29
CA ALA B 174 8.74 -1.06 -22.15
C ALA B 174 7.95 -1.92 -21.20
N ALA B 175 8.07 -3.24 -21.36
CA ALA B 175 7.49 -4.20 -20.43
C ALA B 175 8.19 -5.54 -20.60
N SER B 176 7.98 -6.43 -19.64
CA SER B 176 8.67 -7.72 -19.54
C SER B 176 7.66 -8.74 -19.10
N SER B 177 7.79 -9.96 -19.63
CA SER B 177 7.04 -11.08 -19.08
C SER B 177 7.96 -12.27 -18.91
N TYR B 178 7.74 -13.02 -17.84
CA TYR B 178 8.56 -14.16 -17.45
C TYR B 178 7.68 -15.41 -17.30
N LEU B 179 8.11 -16.52 -17.89
CA LEU B 179 7.45 -17.80 -17.66
C LEU B 179 8.33 -18.73 -16.88
N SER B 180 7.89 -19.14 -15.70
CA SER B 180 8.66 -20.12 -14.91
C SER B 180 8.24 -21.55 -15.25
N LEU B 181 9.22 -22.38 -15.56
CA LEU B 181 8.99 -23.80 -15.86
C LEU B 181 9.89 -24.66 -15.01
N THR B 182 9.57 -25.95 -14.95
CA THR B 182 10.53 -26.95 -14.48
C THR B 182 11.33 -27.31 -15.72
N PRO B 183 12.56 -27.85 -15.54
CA PRO B 183 13.31 -28.37 -16.71
C PRO B 183 12.58 -29.47 -17.49
N GLU B 184 11.75 -30.26 -16.82
CA GLU B 184 11.01 -31.33 -17.51
C GLU B 184 9.93 -30.77 -18.43
N GLN B 185 9.22 -29.74 -17.95
CA GLN B 185 8.23 -29.04 -18.79
C GLN B 185 8.94 -28.45 -20.01
N TRP B 186 10.04 -27.74 -19.76
CA TRP B 186 10.76 -27.10 -20.84
C TRP B 186 11.15 -28.12 -21.88
N LYS B 187 11.74 -29.22 -21.43
CA LYS B 187 12.24 -30.27 -22.35
C LYS B 187 11.12 -31.08 -23.03
N SER B 188 9.93 -31.13 -22.43
CA SER B 188 8.85 -32.00 -22.94
C SER B 188 7.95 -31.39 -24.02
N HIS B 189 8.21 -30.14 -24.42
CA HIS B 189 7.43 -29.53 -25.50
C HIS B 189 8.34 -29.23 -26.65
N ARG B 190 7.79 -29.12 -27.85
CA ARG B 190 8.59 -28.80 -29.03
C ARG B 190 9.01 -27.32 -29.04
N SER B 191 8.20 -26.47 -28.44
CA SER B 191 8.48 -25.04 -28.41
C SER B 191 7.57 -24.27 -27.47
N TYR B 192 8.01 -23.08 -27.10
CA TYR B 192 7.20 -22.14 -26.34
C TYR B 192 7.12 -20.85 -27.08
N SER B 193 6.05 -20.09 -26.79
CA SER B 193 5.75 -18.85 -27.50
C SER B 193 5.34 -17.77 -26.56
N CYS B 194 5.92 -16.59 -26.77
CA CYS B 194 5.50 -15.35 -26.14
C CYS B 194 4.69 -14.60 -27.19
N GLN B 195 3.47 -14.19 -26.86
CA GLN B 195 2.64 -13.49 -27.86
C GLN B 195 2.22 -12.15 -27.29
N VAL B 196 2.66 -11.08 -27.92
CA VAL B 196 2.43 -9.75 -27.36
C VAL B 196 1.39 -9.01 -28.20
N THR B 197 0.27 -8.65 -27.57
CA THR B 197 -0.80 -7.92 -28.28
C THR B 197 -0.76 -6.47 -27.87
N HIS B 198 -0.88 -5.60 -28.87
CA HIS B 198 -0.85 -4.18 -28.69
C HIS B 198 -1.79 -3.64 -29.77
N GLU B 199 -2.79 -2.87 -29.37
CA GLU B 199 -3.75 -2.28 -30.31
C GLU B 199 -4.27 -3.29 -31.33
N GLY B 200 -4.66 -4.47 -30.84
CA GLY B 200 -5.29 -5.51 -31.66
C GLY B 200 -4.39 -6.33 -32.57
N SER B 201 -3.11 -5.99 -32.64
CA SER B 201 -2.13 -6.71 -33.45
C SER B 201 -1.11 -7.45 -32.57
N THR B 202 -0.70 -8.65 -32.99
CA THR B 202 0.21 -9.48 -32.21
C THR B 202 1.61 -9.68 -32.82
N VAL B 203 2.64 -9.61 -31.98
CA VAL B 203 3.98 -10.04 -32.36
C VAL B 203 4.33 -11.23 -31.48
N GLU B 204 4.65 -12.35 -32.11
CA GLU B 204 4.96 -13.59 -31.40
C GLU B 204 6.38 -14.00 -31.67
N LYS B 205 7.01 -14.60 -30.65
CA LYS B 205 8.34 -15.18 -30.79
C LYS B 205 8.24 -16.61 -30.26
N THR B 206 8.94 -17.55 -30.89
CA THR B 206 8.98 -18.96 -30.44
C THR B 206 10.41 -19.32 -30.11
N VAL B 207 10.60 -20.21 -29.15
CA VAL B 207 11.94 -20.80 -28.89
C VAL B 207 11.80 -22.28 -28.59
N ALA B 208 12.89 -23.02 -28.81
CA ALA B 208 12.88 -24.47 -28.65
C ALA B 208 14.05 -24.92 -27.77
N PRO B 209 13.88 -26.05 -27.06
CA PRO B 209 14.92 -26.74 -26.28
C PRO B 209 16.23 -27.05 -27.02
N THR B 210 17.32 -27.06 -26.26
CA THR B 210 18.73 -27.16 -26.73
C THR B 210 19.16 -25.97 -27.60
N GLU C 1 -35.56 0.06 16.93
CA GLU C 1 -34.49 1.08 17.17
C GLU C 1 -34.17 1.86 15.89
N VAL C 2 -33.30 2.86 16.01
CA VAL C 2 -32.76 3.57 14.85
C VAL C 2 -31.65 2.71 14.23
N GLN C 3 -31.71 2.56 12.91
CA GLN C 3 -30.68 1.84 12.17
C GLN C 3 -30.35 2.54 10.86
N LEU C 4 -29.05 2.58 10.57
CA LEU C 4 -28.53 3.10 9.31
C LEU C 4 -27.77 1.97 8.61
N VAL C 5 -28.24 1.57 7.44
CA VAL C 5 -27.71 0.40 6.74
C VAL C 5 -27.16 0.81 5.40
N GLU C 6 -25.85 0.67 5.28
CA GLU C 6 -25.10 1.09 4.11
C GLU C 6 -24.96 -0.06 3.11
N SER C 7 -24.88 0.31 1.84
CA SER C 7 -24.57 -0.63 0.77
C SER C 7 -23.99 0.13 -0.42
N GLY C 8 -23.40 -0.60 -1.36
CA GLY C 8 -22.86 -0.01 -2.56
C GLY C 8 -21.35 0.21 -2.59
N GLY C 9 -20.63 -0.24 -1.57
CA GLY C 9 -19.17 -0.17 -1.60
C GLY C 9 -18.51 -1.21 -2.51
N GLY C 10 -17.19 -1.14 -2.63
CA GLY C 10 -16.45 -1.95 -3.58
C GLY C 10 -15.39 -1.19 -4.38
N LEU C 11 -15.03 -1.75 -5.53
CA LEU C 11 -13.93 -1.23 -6.31
C LEU C 11 -14.41 -0.31 -7.42
N VAL C 12 -13.70 0.79 -7.57
CA VAL C 12 -13.93 1.74 -8.67
C VAL C 12 -12.58 2.17 -9.22
N GLN C 13 -12.44 2.20 -10.56
CA GLN C 13 -11.22 2.67 -11.18
C GLN C 13 -11.06 4.19 -10.97
N PRO C 14 -9.81 4.68 -10.77
CA PRO C 14 -9.62 6.15 -10.66
C PRO C 14 -10.23 6.89 -11.84
N GLY C 15 -10.89 8.01 -11.57
CA GLY C 15 -11.65 8.73 -12.59
C GLY C 15 -13.08 8.24 -12.69
N GLY C 16 -13.36 7.08 -12.10
CA GLY C 16 -14.70 6.47 -12.13
C GLY C 16 -15.69 7.07 -11.15
N SER C 17 -16.90 6.51 -11.15
CA SER C 17 -17.96 7.00 -10.29
C SER C 17 -18.61 5.86 -9.51
N LEU C 18 -18.98 6.13 -8.26
CA LEU C 18 -19.69 5.15 -7.44
C LEU C 18 -20.79 5.81 -6.64
N ARG C 19 -21.93 5.12 -6.55
CA ARG C 19 -23.03 5.56 -5.72
C ARG C 19 -23.11 4.74 -4.43
N LEU C 20 -23.19 5.42 -3.29
CA LEU C 20 -23.43 4.72 -2.02
C LEU C 20 -24.85 4.97 -1.57
N SER C 21 -25.36 4.09 -0.72
CA SER C 21 -26.71 4.23 -0.22
C SER C 21 -26.76 3.95 1.26
N CYS C 22 -27.57 4.74 1.96
CA CYS C 22 -27.82 4.55 3.38
C CYS C 22 -29.33 4.49 3.59
N ALA C 23 -29.82 3.31 3.95
CA ALA C 23 -31.24 3.10 4.19
C ALA C 23 -31.51 3.35 5.66
N ALA C 24 -32.33 4.37 5.94
CA ALA C 24 -32.65 4.79 7.30
C ALA C 24 -33.97 4.20 7.78
N SER C 25 -34.00 3.81 9.05
CA SER C 25 -35.19 3.26 9.69
C SER C 25 -35.21 3.56 11.18
N GLY C 26 -36.41 3.62 11.77
CA GLY C 26 -36.58 3.84 13.22
C GLY C 26 -36.69 5.30 13.70
N PHE C 27 -36.93 6.21 12.77
CA PHE C 27 -37.11 7.63 13.09
C PHE C 27 -37.75 8.31 11.90
N THR C 28 -38.22 9.53 12.06
CA THR C 28 -38.74 10.19 10.89
C THR C 28 -37.63 10.94 10.15
N PHE C 29 -37.34 10.41 8.97
CA PHE C 29 -36.23 10.81 8.11
C PHE C 29 -36.08 12.32 7.99
N THR C 30 -37.18 13.01 7.68
CA THR C 30 -37.20 14.45 7.45
C THR C 30 -37.13 15.34 8.71
N ASP C 31 -36.96 14.73 9.87
CA ASP C 31 -36.75 15.46 11.12
C ASP C 31 -35.27 15.72 11.44
N TYR C 32 -34.37 15.09 10.70
CA TYR C 32 -32.93 15.13 11.02
C TYR C 32 -32.08 15.53 9.84
N THR C 33 -30.81 15.85 10.14
CA THR C 33 -29.83 16.08 9.12
C THR C 33 -29.04 14.78 8.93
N MET C 34 -28.92 14.34 7.69
CA MET C 34 -28.14 13.13 7.38
C MET C 34 -26.75 13.53 6.89
N ASP C 35 -25.74 12.77 7.29
CA ASP C 35 -24.34 13.05 6.90
C ASP C 35 -23.63 11.81 6.36
N TRP C 36 -22.55 12.06 5.63
CA TRP C 36 -21.49 11.06 5.37
C TRP C 36 -20.21 11.53 6.02
N VAL C 37 -19.49 10.57 6.59
CA VAL C 37 -18.17 10.79 7.20
C VAL C 37 -17.27 9.65 6.69
N ARG C 38 -15.98 9.90 6.54
CA ARG C 38 -15.07 8.88 6.01
C ARG C 38 -13.81 8.70 6.85
N GLN C 39 -13.20 7.52 6.74
CA GLN C 39 -12.02 7.18 7.51
C GLN C 39 -11.09 6.28 6.68
N ALA C 40 -10.10 6.90 6.06
CA ALA C 40 -9.03 6.19 5.37
C ALA C 40 -8.38 5.14 6.29
N PRO C 41 -7.84 4.05 5.72
CA PRO C 41 -7.31 2.99 6.60
C PRO C 41 -6.15 3.48 7.47
N GLY C 42 -6.23 3.19 8.77
CA GLY C 42 -5.29 3.70 9.77
C GLY C 42 -5.43 5.18 10.10
N LYS C 43 -5.96 5.96 9.17
CA LYS C 43 -6.08 7.43 9.32
C LYS C 43 -7.29 7.91 10.16
N GLY C 44 -7.55 9.22 10.13
CA GLY C 44 -8.58 9.84 10.97
C GLY C 44 -9.95 9.99 10.32
N LEU C 45 -10.90 10.54 11.09
CA LEU C 45 -12.27 10.76 10.62
C LEU C 45 -12.41 12.12 9.99
N GLU C 46 -13.16 12.17 8.88
CA GLU C 46 -13.32 13.39 8.11
C GLU C 46 -14.75 13.52 7.59
N TRP C 47 -15.44 14.56 8.07
CA TRP C 47 -16.78 14.87 7.62
C TRP C 47 -16.79 15.16 6.11
N VAL C 48 -17.78 14.60 5.42
CA VAL C 48 -17.79 14.63 3.98
C VAL C 48 -18.85 15.60 3.50
N ALA C 49 -20.06 15.43 4.04
CA ALA C 49 -21.21 16.20 3.60
C ALA C 49 -22.43 15.94 4.47
N ASP C 50 -23.39 16.85 4.42
CA ASP C 50 -24.67 16.65 5.06
C ASP C 50 -25.78 17.14 4.12
N VAL C 51 -27.00 16.68 4.36
CA VAL C 51 -28.16 17.10 3.59
C VAL C 51 -29.39 17.15 4.50
N ASN C 52 -30.13 18.25 4.41
CA ASN C 52 -31.44 18.32 5.01
C ASN C 52 -32.41 17.67 4.04
N PRO C 53 -33.06 16.58 4.46
CA PRO C 53 -33.92 15.76 3.60
C PRO C 53 -35.07 16.54 2.95
N ASN C 54 -35.55 17.57 3.64
CA ASN C 54 -36.68 18.37 3.17
C ASN C 54 -36.36 19.22 1.95
N SER C 55 -35.39 20.12 2.12
CA SER C 55 -35.03 21.09 1.09
C SER C 55 -34.22 20.47 -0.05
N GLY C 56 -33.46 19.43 0.25
CA GLY C 56 -32.46 18.90 -0.70
C GLY C 56 -31.24 19.80 -0.67
N GLY C 57 -31.27 20.78 0.22
CA GLY C 57 -30.14 21.65 0.50
C GLY C 57 -29.06 20.85 1.20
N SER C 58 -27.90 20.77 0.56
CA SER C 58 -26.79 20.02 1.11
C SER C 58 -25.50 20.80 1.00
N ILE C 59 -24.65 20.64 2.00
CA ILE C 59 -23.33 21.27 2.05
C ILE C 59 -22.23 20.22 1.95
N TYR C 60 -21.10 20.60 1.36
CA TYR C 60 -19.99 19.68 1.15
C TYR C 60 -18.71 20.27 1.66
N ASN C 61 -17.85 19.42 2.23
CA ASN C 61 -16.49 19.79 2.56
C ASN C 61 -15.74 20.02 1.23
N GLN C 62 -14.72 20.87 1.24
CA GLN C 62 -14.10 21.37 0.00
C GLN C 62 -13.13 20.40 -0.66
N ARG C 63 -12.52 19.52 0.14
CA ARG C 63 -11.74 18.42 -0.40
C ARG C 63 -12.62 17.54 -1.32
N PHE C 64 -13.92 17.86 -1.38
CA PHE C 64 -14.92 17.03 -2.08
C PHE C 64 -15.85 17.81 -2.99
N LYS C 65 -15.99 19.12 -2.75
CA LYS C 65 -16.85 19.94 -3.60
C LYS C 65 -16.54 19.70 -5.07
N GLY C 66 -17.58 19.61 -5.89
CA GLY C 66 -17.43 19.30 -7.31
C GLY C 66 -17.71 17.83 -7.60
N ARG C 67 -16.89 16.95 -7.02
CA ARG C 67 -16.96 15.52 -7.30
C ARG C 67 -18.16 14.81 -6.69
N PHE C 68 -18.43 15.07 -5.41
CA PHE C 68 -19.44 14.35 -4.65
C PHE C 68 -20.77 15.10 -4.71
N THR C 69 -21.84 14.34 -4.91
CA THR C 69 -23.20 14.90 -4.96
C THR C 69 -24.11 14.13 -4.02
N LEU C 70 -24.70 14.83 -3.08
CA LEU C 70 -25.69 14.24 -2.18
C LEU C 70 -27.11 14.39 -2.71
N SER C 71 -27.97 13.45 -2.32
CA SER C 71 -29.38 13.47 -2.66
C SER C 71 -30.09 12.53 -1.71
N VAL C 72 -31.42 12.63 -1.66
CA VAL C 72 -32.24 11.76 -0.84
C VAL C 72 -33.45 11.25 -1.60
N ASP C 73 -34.07 10.24 -1.01
CA ASP C 73 -35.37 9.79 -1.44
C ASP C 73 -36.15 9.38 -0.19
N ARG C 74 -37.02 10.28 0.24
CA ARG C 74 -37.81 10.08 1.45
C ARG C 74 -38.95 9.09 1.20
N SER C 75 -39.30 8.92 -0.07
CA SER C 75 -40.30 7.92 -0.46
C SER C 75 -39.83 6.50 -0.07
N LYS C 76 -38.52 6.33 0.06
CA LYS C 76 -37.95 5.09 0.60
C LYS C 76 -36.96 5.29 1.77
N ASN C 77 -36.90 6.53 2.28
CA ASN C 77 -36.11 6.89 3.48
C ASN C 77 -34.61 6.59 3.33
N THR C 78 -34.03 7.06 2.23
CA THR C 78 -32.66 6.71 1.86
C THR C 78 -31.86 7.93 1.39
N LEU C 79 -30.60 8.01 1.82
CA LEU C 79 -29.69 9.03 1.29
C LEU C 79 -28.65 8.39 0.41
N TYR C 80 -28.23 9.16 -0.59
CA TYR C 80 -27.28 8.71 -1.56
C TYR C 80 -26.04 9.59 -1.51
N LEU C 81 -24.88 8.97 -1.68
CA LEU C 81 -23.65 9.70 -1.94
C LEU C 81 -23.18 9.33 -3.33
N GLN C 82 -23.47 10.17 -4.31
CA GLN C 82 -22.98 9.93 -5.65
C GLN C 82 -21.57 10.51 -5.73
N MET C 83 -20.60 9.66 -6.00
CA MET C 83 -19.22 10.08 -6.08
C MET C 83 -18.74 10.03 -7.53
N ASN C 84 -17.93 11.00 -7.92
CA ASN C 84 -17.43 11.08 -9.31
C ASN C 84 -15.93 11.35 -9.34
N SER C 85 -15.32 11.08 -10.50
CA SER C 85 -13.86 11.18 -10.67
C SER C 85 -13.07 10.96 -9.37
N LEU C 86 -13.14 9.73 -8.84
CA LEU C 86 -12.47 9.35 -7.59
C LEU C 86 -10.97 9.23 -7.77
N ARG C 87 -10.22 9.25 -6.68
CA ARG C 87 -8.77 9.07 -6.75
C ARG C 87 -8.25 8.21 -5.61
N ALA C 88 -7.04 7.69 -5.78
CA ALA C 88 -6.38 6.82 -4.80
C ALA C 88 -6.60 7.18 -3.32
N GLU C 89 -6.67 8.48 -3.01
CA GLU C 89 -6.78 8.93 -1.62
C GLU C 89 -8.23 8.88 -1.09
N ASP C 90 -9.19 8.73 -1.99
CA ASP C 90 -10.59 8.49 -1.61
C ASP C 90 -10.86 7.07 -1.11
N THR C 91 -9.84 6.23 -1.07
CA THR C 91 -9.97 4.87 -0.56
C THR C 91 -10.19 4.94 0.95
N ALA C 92 -11.45 4.77 1.35
CA ALA C 92 -11.85 4.84 2.75
C ALA C 92 -13.09 4.04 3.06
N VAL C 93 -13.32 3.85 4.36
CA VAL C 93 -14.62 3.41 4.86
C VAL C 93 -15.53 4.65 4.95
N TYR C 94 -16.67 4.61 4.28
CA TYR C 94 -17.63 5.71 4.31
C TYR C 94 -18.74 5.33 5.25
N TYR C 95 -19.03 6.21 6.20
CA TYR C 95 -20.12 6.01 7.13
C TYR C 95 -21.20 7.02 6.84
N CYS C 96 -22.45 6.61 6.92
CA CYS C 96 -23.53 7.57 7.03
C CYS C 96 -23.82 7.75 8.50
N ALA C 97 -24.28 8.95 8.86
CA ALA C 97 -24.58 9.24 10.24
C ALA C 97 -25.70 10.24 10.30
N ARG C 98 -26.15 10.52 11.51
CA ARG C 98 -27.28 11.43 11.75
C ARG C 98 -26.91 12.52 12.74
N ASN C 99 -27.38 13.74 12.48
CA ASN C 99 -27.31 14.77 13.50
C ASN C 99 -28.61 15.56 13.60
N LEU C 100 -28.75 16.28 14.70
CA LEU C 100 -29.95 17.08 14.92
C LEU C 100 -29.58 18.54 15.07
N GLY C 101 -30.16 19.38 14.19
CA GLY C 101 -30.06 20.83 14.31
C GLY C 101 -28.68 21.35 13.94
N PRO C 102 -28.26 22.46 14.58
CA PRO C 102 -27.00 23.12 14.24
C PRO C 102 -25.79 22.43 14.87
N SER C 103 -26.03 21.36 15.63
CA SER C 103 -24.93 20.69 16.33
C SER C 103 -24.63 19.37 15.63
N PHE C 104 -23.42 19.34 15.07
CA PHE C 104 -23.07 18.29 14.12
C PHE C 104 -22.29 17.18 14.76
N TYR C 105 -22.75 16.73 15.92
CA TYR C 105 -22.25 15.49 16.51
C TYR C 105 -23.23 14.39 16.11
N PHE C 106 -22.70 13.18 16.02
CA PHE C 106 -23.44 12.09 15.42
C PHE C 106 -23.71 11.00 16.45
N ASP C 107 -24.99 10.83 16.78
CA ASP C 107 -25.43 9.86 17.77
C ASP C 107 -25.59 8.46 17.14
N TYR C 108 -26.04 8.42 15.90
CA TYR C 108 -26.20 7.17 15.19
C TYR C 108 -25.32 7.14 13.94
N TRP C 109 -24.61 6.02 13.78
CA TRP C 109 -23.74 5.75 12.63
C TRP C 109 -24.15 4.47 11.91
N GLY C 110 -23.99 4.44 10.59
CA GLY C 110 -24.09 3.18 9.85
C GLY C 110 -22.88 2.31 10.11
N GLN C 111 -22.87 1.13 9.51
CA GLN C 111 -21.79 0.15 9.76
C GLN C 111 -20.54 0.44 8.94
N GLY C 112 -20.67 1.32 7.94
CA GLY C 112 -19.53 1.66 7.10
C GLY C 112 -19.32 0.71 5.94
N THR C 113 -18.90 1.27 4.81
CA THR C 113 -18.64 0.49 3.64
C THR C 113 -17.31 0.91 3.01
N LEU C 114 -16.44 -0.06 2.74
CA LEU C 114 -15.15 0.23 2.09
C LEU C 114 -15.30 0.56 0.62
N VAL C 115 -15.02 1.81 0.26
CA VAL C 115 -14.80 2.15 -1.13
C VAL C 115 -13.31 2.01 -1.43
N THR C 116 -12.99 1.27 -2.49
CA THR C 116 -11.61 1.06 -2.91
C THR C 116 -11.39 1.66 -4.28
N VAL C 117 -10.40 2.56 -4.38
CA VAL C 117 -10.10 3.20 -5.65
C VAL C 117 -8.73 2.73 -6.17
N SER C 118 -8.76 2.03 -7.30
CA SER C 118 -7.59 1.28 -7.78
C SER C 118 -7.76 0.95 -9.26
N SER C 119 -6.64 0.78 -9.95
CA SER C 119 -6.71 0.39 -11.36
C SER C 119 -6.72 -1.12 -11.49
N ALA C 120 -6.39 -1.81 -10.40
CA ALA C 120 -6.42 -3.28 -10.38
C ALA C 120 -7.85 -3.77 -10.54
N SER C 121 -8.00 -5.02 -10.97
CA SER C 121 -9.29 -5.60 -11.27
C SER C 121 -9.91 -6.35 -10.09
N THR C 122 -11.24 -6.40 -10.08
CA THR C 122 -11.99 -7.22 -9.14
C THR C 122 -11.68 -8.68 -9.35
N LYS C 123 -11.51 -9.41 -8.24
CA LYS C 123 -11.28 -10.86 -8.31
C LYS C 123 -11.93 -11.56 -7.13
N GLY C 124 -12.78 -12.53 -7.45
CA GLY C 124 -13.47 -13.38 -6.50
C GLY C 124 -12.58 -14.46 -5.87
N PRO C 125 -12.89 -14.88 -4.64
CA PRO C 125 -12.02 -15.83 -3.94
C PRO C 125 -12.09 -17.25 -4.47
N SER C 126 -11.00 -17.97 -4.25
CA SER C 126 -10.99 -19.41 -4.33
C SER C 126 -11.10 -19.91 -2.89
N VAL C 127 -12.11 -20.73 -2.61
CA VAL C 127 -12.32 -21.21 -1.25
C VAL C 127 -11.93 -22.68 -1.17
N PHE C 128 -11.04 -22.98 -0.23
CA PHE C 128 -10.63 -24.35 0.04
C PHE C 128 -10.90 -24.77 1.50
N PRO C 129 -11.35 -26.01 1.70
CA PRO C 129 -11.56 -26.45 3.09
C PRO C 129 -10.24 -26.75 3.79
N LEU C 130 -10.16 -26.39 5.06
CA LEU C 130 -9.06 -26.78 5.93
C LEU C 130 -9.56 -27.90 6.84
N ALA C 131 -9.22 -29.13 6.49
CA ALA C 131 -9.84 -30.29 7.12
C ALA C 131 -9.34 -30.52 8.54
N PRO C 132 -10.26 -30.87 9.45
CA PRO C 132 -9.70 -31.22 10.76
C PRO C 132 -8.94 -32.54 10.64
N SER C 133 -7.84 -32.66 11.38
CA SER C 133 -7.14 -33.95 11.46
C SER C 133 -6.68 -34.17 12.90
N SER C 134 -6.07 -35.33 13.16
CA SER C 134 -5.54 -35.62 14.49
C SER C 134 -4.38 -34.67 14.80
N LYS C 135 -3.81 -34.07 13.77
CA LYS C 135 -2.70 -33.14 13.90
C LYS C 135 -3.13 -31.67 14.07
N SER C 136 -4.42 -31.40 13.86
CA SER C 136 -5.05 -30.15 14.32
C SER C 136 -6.02 -30.47 15.49
N THR C 137 -5.68 -31.50 16.27
CA THR C 137 -6.52 -31.95 17.40
C THR C 137 -5.86 -31.66 18.76
N SER C 138 -6.58 -30.98 19.65
CA SER C 138 -6.12 -30.75 21.02
C SER C 138 -7.10 -31.29 22.05
N GLY C 139 -7.05 -32.60 22.27
CA GLY C 139 -7.88 -33.27 23.28
C GLY C 139 -9.36 -33.29 22.91
N GLY C 140 -10.17 -32.61 23.73
CA GLY C 140 -11.60 -32.50 23.47
C GLY C 140 -11.97 -31.68 22.24
N THR C 141 -11.01 -30.91 21.70
CA THR C 141 -11.31 -29.99 20.62
C THR C 141 -10.41 -30.09 19.39
N ALA C 142 -10.99 -29.76 18.25
CA ALA C 142 -10.28 -29.84 17.00
C ALA C 142 -10.53 -28.56 16.23
N ALA C 143 -9.60 -28.21 15.36
CA ALA C 143 -9.69 -27.01 14.52
C ALA C 143 -9.92 -27.45 13.10
N LEU C 144 -10.82 -26.75 12.44
CA LEU C 144 -11.06 -26.92 11.02
C LEU C 144 -11.37 -25.56 10.50
N GLY C 145 -11.26 -25.34 9.19
CA GLY C 145 -11.51 -23.99 8.72
C GLY C 145 -11.71 -23.87 7.23
N CYS C 146 -11.55 -22.65 6.70
CA CYS C 146 -11.57 -22.43 5.27
C CYS C 146 -10.59 -21.39 4.89
N LEU C 147 -9.83 -21.70 3.86
CA LEU C 147 -8.90 -20.77 3.29
C LEU C 147 -9.65 -19.98 2.21
N VAL C 148 -9.62 -18.65 2.30
CA VAL C 148 -10.23 -17.78 1.28
C VAL C 148 -9.11 -17.07 0.52
N LYS C 149 -8.84 -17.53 -0.70
CA LYS C 149 -7.57 -17.19 -1.33
C LYS C 149 -7.77 -16.30 -2.53
N ASP C 150 -6.90 -15.29 -2.64
CA ASP C 150 -6.66 -14.54 -3.90
C ASP C 150 -7.88 -13.72 -4.37
N TYR C 151 -8.34 -12.80 -3.53
CA TYR C 151 -9.46 -11.91 -3.87
C TYR C 151 -9.00 -10.46 -3.81
N PHE C 152 -9.74 -9.61 -4.52
CA PHE C 152 -9.52 -8.18 -4.49
C PHE C 152 -10.85 -7.53 -4.90
N PRO C 153 -11.24 -6.43 -4.21
CA PRO C 153 -10.59 -5.82 -3.04
C PRO C 153 -11.14 -6.45 -1.76
N GLU C 154 -10.80 -5.90 -0.59
CA GLU C 154 -11.52 -6.23 0.66
C GLU C 154 -12.94 -5.63 0.60
N PRO C 155 -13.91 -6.14 1.42
CA PRO C 155 -13.76 -7.19 2.43
C PRO C 155 -14.37 -8.51 1.99
N VAL C 156 -14.06 -9.61 2.69
CA VAL C 156 -14.93 -10.79 2.64
C VAL C 156 -15.45 -11.02 4.03
N THR C 157 -16.66 -11.54 4.14
CA THR C 157 -17.21 -11.98 5.41
C THR C 157 -17.32 -13.48 5.34
N VAL C 158 -17.16 -14.14 6.49
CA VAL C 158 -17.27 -15.58 6.58
C VAL C 158 -18.20 -15.94 7.71
N SER C 159 -19.18 -16.78 7.41
CA SER C 159 -19.98 -17.34 8.47
C SER C 159 -19.91 -18.85 8.34
N TRP C 160 -20.45 -19.53 9.34
CA TRP C 160 -20.43 -20.98 9.39
C TRP C 160 -21.85 -21.48 9.55
N ASN C 161 -22.16 -22.56 8.82
CA ASN C 161 -23.46 -23.21 8.92
C ASN C 161 -24.60 -22.19 8.73
N SER C 162 -24.45 -21.32 7.72
CA SER C 162 -25.42 -20.27 7.40
C SER C 162 -25.74 -19.30 8.56
N GLY C 163 -24.77 -19.08 9.45
CA GLY C 163 -24.93 -18.13 10.56
C GLY C 163 -25.29 -18.83 11.86
N ALA C 164 -25.61 -20.12 11.77
CA ALA C 164 -26.03 -20.90 12.94
C ALA C 164 -24.90 -21.24 13.90
N LEU C 165 -23.67 -21.30 13.38
CA LEU C 165 -22.47 -21.57 14.20
C LEU C 165 -21.61 -20.32 14.35
N THR C 166 -21.59 -19.78 15.58
CA THR C 166 -20.80 -18.58 15.91
C THR C 166 -19.76 -18.76 17.00
N SER C 167 -19.99 -19.66 17.94
CA SER C 167 -19.08 -19.79 19.05
C SER C 167 -17.84 -20.59 18.63
N GLY C 168 -16.66 -20.08 18.99
CA GLY C 168 -15.41 -20.73 18.66
C GLY C 168 -14.94 -20.43 17.25
N VAL C 169 -15.51 -19.39 16.63
CA VAL C 169 -15.16 -18.99 15.28
C VAL C 169 -14.11 -17.87 15.35
N HIS C 170 -13.00 -18.09 14.68
CA HIS C 170 -11.97 -17.05 14.61
C HIS C 170 -11.68 -16.82 13.12
N THR C 171 -12.06 -15.66 12.62
CA THR C 171 -11.76 -15.24 11.25
C THR C 171 -10.58 -14.30 11.30
N PHE C 172 -9.50 -14.72 10.67
CA PHE C 172 -8.25 -13.99 10.81
C PHE C 172 -8.24 -12.82 9.81
N PRO C 173 -7.59 -11.69 10.17
CA PRO C 173 -7.44 -10.61 9.20
C PRO C 173 -6.67 -11.10 7.97
N ALA C 174 -6.98 -10.50 6.83
CA ALA C 174 -6.44 -10.92 5.54
C ALA C 174 -4.99 -10.50 5.42
N VAL C 175 -4.23 -11.28 4.66
CA VAL C 175 -2.90 -10.88 4.25
C VAL C 175 -2.97 -10.24 2.86
N LEU C 176 -2.26 -9.13 2.68
CA LEU C 176 -2.10 -8.55 1.35
C LEU C 176 -0.84 -9.15 0.74
N GLN C 177 -1.01 -10.01 -0.26
CA GLN C 177 0.11 -10.69 -0.87
C GLN C 177 0.85 -9.80 -1.89
N SER C 178 2.08 -10.18 -2.22
CA SER C 178 2.89 -9.36 -3.11
C SER C 178 2.31 -9.34 -4.51
N SER C 179 1.51 -10.36 -4.84
CA SER C 179 0.73 -10.37 -6.09
C SER C 179 -0.26 -9.22 -6.12
N GLY C 180 -0.53 -8.60 -4.98
CA GLY C 180 -1.53 -7.53 -4.90
C GLY C 180 -2.94 -7.99 -4.54
N LEU C 181 -3.11 -9.31 -4.41
CA LEU C 181 -4.37 -9.92 -3.95
C LEU C 181 -4.33 -10.27 -2.47
N TYR C 182 -5.52 -10.50 -1.89
CA TYR C 182 -5.70 -10.78 -0.47
C TYR C 182 -6.02 -12.23 -0.24
N SER C 183 -5.61 -12.73 0.93
CA SER C 183 -6.04 -14.04 1.40
C SER C 183 -6.39 -13.96 2.86
N LEU C 184 -7.40 -14.74 3.27
CA LEU C 184 -7.68 -14.91 4.68
C LEU C 184 -8.11 -16.32 5.04
N SER C 185 -8.16 -16.59 6.34
CA SER C 185 -8.60 -17.87 6.84
C SER C 185 -9.60 -17.67 7.97
N SER C 186 -10.61 -18.52 8.00
CA SER C 186 -11.53 -18.62 9.13
C SER C 186 -11.37 -20.00 9.67
N VAL C 187 -11.25 -20.09 10.99
CA VAL C 187 -11.09 -21.37 11.64
C VAL C 187 -12.13 -21.48 12.76
N VAL C 188 -12.72 -22.66 12.89
CA VAL C 188 -13.62 -22.90 13.99
C VAL C 188 -13.09 -24.01 14.91
N THR C 189 -13.15 -23.78 16.21
CA THR C 189 -12.78 -24.78 17.19
C THR C 189 -14.03 -25.55 17.59
N VAL C 190 -13.98 -26.86 17.40
CA VAL C 190 -15.14 -27.69 17.61
C VAL C 190 -14.82 -28.94 18.46
N PRO C 191 -15.88 -29.62 18.95
CA PRO C 191 -15.64 -30.88 19.66
C PRO C 191 -15.04 -31.92 18.74
N SER C 192 -13.96 -32.56 19.18
CA SER C 192 -13.26 -33.57 18.40
C SER C 192 -14.05 -34.88 18.23
N SER C 193 -14.96 -35.16 19.17
CA SER C 193 -15.68 -36.44 19.14
C SER C 193 -16.79 -36.56 18.07
N SER C 194 -17.41 -35.44 17.72
CA SER C 194 -18.48 -35.45 16.72
C SER C 194 -18.08 -35.01 15.30
N LEU C 195 -16.79 -35.08 14.97
CA LEU C 195 -16.36 -34.76 13.59
C LEU C 195 -16.86 -35.81 12.62
N GLY C 196 -17.15 -36.99 13.14
CA GLY C 196 -17.67 -38.08 12.31
C GLY C 196 -19.09 -37.83 11.83
N THR C 197 -19.83 -36.99 12.54
CA THR C 197 -21.26 -36.85 12.24
C THR C 197 -21.75 -35.40 12.03
N GLN C 198 -21.02 -34.41 12.53
CA GLN C 198 -21.48 -33.02 12.46
C GLN C 198 -21.01 -32.34 11.17
N THR C 199 -21.95 -31.67 10.50
CA THR C 199 -21.63 -30.95 9.27
C THR C 199 -21.15 -29.52 9.55
N TYR C 200 -20.02 -29.18 8.93
CA TYR C 200 -19.46 -27.83 9.00
C TYR C 200 -19.34 -27.21 7.60
N ILE C 201 -19.90 -26.01 7.42
CA ILE C 201 -19.94 -25.34 6.12
C ILE C 201 -19.57 -23.92 6.34
N CYS C 202 -18.56 -23.47 5.60
CA CYS C 202 -18.16 -22.07 5.66
C CYS C 202 -18.83 -21.34 4.52
N ASN C 203 -19.46 -20.21 4.85
CA ASN C 203 -20.16 -19.42 3.87
C ASN C 203 -19.41 -18.12 3.67
N VAL C 204 -18.86 -17.97 2.46
CA VAL C 204 -17.97 -16.86 2.16
C VAL C 204 -18.71 -15.88 1.27
N ASN C 205 -18.81 -14.64 1.75
CA ASN C 205 -19.39 -13.57 0.97
C ASN C 205 -18.33 -12.56 0.56
N HIS C 206 -18.21 -12.38 -0.75
CA HIS C 206 -17.39 -11.30 -1.35
C HIS C 206 -18.29 -10.35 -2.15
N LYS C 207 -18.89 -9.39 -1.45
CA LYS C 207 -19.76 -8.38 -2.05
C LYS C 207 -19.15 -7.63 -3.23
N PRO C 208 -17.87 -7.21 -3.10
CA PRO C 208 -17.31 -6.45 -4.21
C PRO C 208 -17.34 -7.18 -5.53
N SER C 209 -17.29 -8.51 -5.52
CA SER C 209 -17.43 -9.26 -6.77
C SER C 209 -18.82 -9.91 -6.97
N ASN C 210 -19.79 -9.60 -6.11
CA ASN C 210 -21.11 -10.24 -6.11
C ASN C 210 -21.01 -11.77 -6.13
N THR C 211 -20.09 -12.30 -5.34
CA THR C 211 -19.83 -13.72 -5.26
C THR C 211 -20.07 -14.21 -3.84
N LYS C 212 -20.79 -15.33 -3.74
CA LYS C 212 -20.88 -16.07 -2.50
C LYS C 212 -20.40 -17.51 -2.77
N VAL C 213 -19.61 -18.06 -1.84
CA VAL C 213 -19.13 -19.44 -1.96
C VAL C 213 -19.35 -20.19 -0.63
N ASP C 214 -19.98 -21.36 -0.70
CA ASP C 214 -20.09 -22.28 0.43
C ASP C 214 -19.22 -23.50 0.13
N LYS C 215 -18.48 -23.92 1.17
CA LYS C 215 -17.64 -25.09 1.10
C LYS C 215 -17.87 -26.02 2.32
N LYS C 216 -18.25 -27.26 2.04
CA LYS C 216 -18.36 -28.25 3.10
C LYS C 216 -16.96 -28.65 3.54
N VAL C 217 -16.69 -28.56 4.85
CA VAL C 217 -15.42 -28.99 5.43
C VAL C 217 -15.55 -30.35 6.12
N GLU C 218 -14.92 -31.34 5.52
CA GLU C 218 -15.04 -32.74 5.94
C GLU C 218 -13.71 -33.24 6.45
N PRO C 219 -13.73 -34.25 7.36
CA PRO C 219 -12.52 -34.94 7.84
C PRO C 219 -11.72 -35.57 6.70
N LYS C 220 -10.40 -35.49 6.81
CA LYS C 220 -9.47 -36.00 5.79
C LYS C 220 -9.78 -37.43 5.34
N ASP D 1 -9.87 26.73 7.98
CA ASP D 1 -10.54 25.62 8.75
C ASP D 1 -9.88 25.38 10.11
N ILE D 2 -10.73 25.07 11.08
CA ILE D 2 -10.32 24.86 12.48
C ILE D 2 -9.44 23.63 12.61
N GLN D 3 -8.51 23.65 13.55
CA GLN D 3 -7.68 22.49 13.84
C GLN D 3 -7.97 21.99 15.25
N MET D 4 -7.94 20.67 15.43
CA MET D 4 -8.13 20.06 16.73
C MET D 4 -6.90 19.20 17.00
N THR D 5 -6.50 19.10 18.27
CA THR D 5 -5.28 18.36 18.64
C THR D 5 -5.43 17.54 19.91
N GLN D 6 -5.40 16.22 19.74
CA GLN D 6 -5.46 15.31 20.87
C GLN D 6 -4.06 15.08 21.45
N SER D 7 -4.02 14.60 22.69
CA SER D 7 -2.78 14.22 23.37
C SER D 7 -3.16 13.44 24.62
N PRO D 8 -2.48 12.31 24.88
CA PRO D 8 -1.42 11.70 24.07
C PRO D 8 -1.93 11.16 22.73
N SER D 9 -1.02 10.83 21.82
CA SER D 9 -1.37 10.17 20.58
C SER D 9 -1.59 8.66 20.80
N SER D 10 -1.10 8.17 21.94
CA SER D 10 -1.25 6.78 22.39
C SER D 10 -0.71 6.65 23.82
N LEU D 11 -1.30 5.74 24.61
CA LEU D 11 -0.90 5.58 26.01
C LEU D 11 -1.18 4.19 26.63
N SER D 12 -0.25 3.73 27.47
CA SER D 12 -0.38 2.44 28.17
C SER D 12 -1.12 2.56 29.51
N ALA D 13 -1.99 1.58 29.80
CA ALA D 13 -2.88 1.65 30.97
C ALA D 13 -2.97 0.36 31.79
N SER D 14 -3.93 0.32 32.71
CA SER D 14 -4.12 -0.81 33.63
C SER D 14 -5.57 -0.85 34.09
N VAL D 15 -6.16 -2.05 34.17
CA VAL D 15 -7.56 -2.23 34.56
C VAL D 15 -7.91 -1.59 35.92
N GLY D 16 -8.54 -0.43 35.87
CA GLY D 16 -8.93 0.32 37.07
C GLY D 16 -8.37 1.74 37.15
N ASP D 17 -7.57 2.11 36.16
CA ASP D 17 -6.91 3.43 36.11
C ASP D 17 -7.83 4.62 35.85
N ARG D 18 -7.34 5.80 36.22
CA ARG D 18 -7.95 7.07 35.84
C ARG D 18 -7.26 7.62 34.60
N VAL D 19 -7.85 7.31 33.44
CA VAL D 19 -7.32 7.73 32.15
C VAL D 19 -7.74 9.16 31.86
N THR D 20 -6.79 9.97 31.39
CA THR D 20 -7.10 11.34 30.99
C THR D 20 -6.52 11.67 29.62
N ILE D 21 -7.42 11.84 28.64
CA ILE D 21 -7.04 12.29 27.30
C ILE D 21 -7.34 13.76 27.13
N THR D 22 -6.44 14.44 26.43
CA THR D 22 -6.49 15.89 26.32
C THR D 22 -6.75 16.31 24.89
N CYS D 23 -7.89 16.96 24.67
CA CYS D 23 -8.15 17.61 23.40
C CYS D 23 -7.97 19.11 23.60
N LYS D 24 -7.52 19.81 22.55
CA LYS D 24 -7.28 21.26 22.60
C LYS D 24 -7.48 21.92 21.23
N ALA D 25 -8.44 22.83 21.17
CA ALA D 25 -8.87 23.46 19.91
C ALA D 25 -8.12 24.73 19.56
N SER D 26 -8.07 25.04 18.27
CA SER D 26 -7.31 26.17 17.75
C SER D 26 -8.00 27.51 17.93
N GLN D 27 -9.32 27.45 18.15
CA GLN D 27 -10.19 28.61 18.14
C GLN D 27 -11.14 28.47 19.31
N ASP D 28 -11.78 29.57 19.71
CA ASP D 28 -12.83 29.48 20.73
C ASP D 28 -14.05 28.81 20.12
N VAL D 29 -14.46 27.70 20.71
CA VAL D 29 -15.66 26.97 20.28
C VAL D 29 -16.59 26.72 21.47
N SER D 30 -16.28 27.41 22.58
CA SER D 30 -16.99 27.27 23.86
C SER D 30 -17.12 25.83 24.34
N ILE D 31 -18.33 25.26 24.30
CA ILE D 31 -18.57 23.86 24.70
C ILE D 31 -19.09 22.94 23.56
N GLY D 32 -18.93 23.37 22.31
CA GLY D 32 -19.35 22.58 21.14
C GLY D 32 -18.30 21.56 20.74
N VAL D 33 -18.13 20.55 21.60
CA VAL D 33 -17.09 19.54 21.48
C VAL D 33 -17.67 18.20 21.90
N ALA D 34 -17.35 17.14 21.16
CA ALA D 34 -17.89 15.81 21.44
C ALA D 34 -16.79 14.76 21.59
N TRP D 35 -17.13 13.61 22.18
CA TRP D 35 -16.19 12.49 22.33
C TRP D 35 -16.78 11.18 21.79
N TYR D 36 -15.99 10.45 21.01
CA TYR D 36 -16.40 9.15 20.50
C TYR D 36 -15.43 8.01 20.88
N GLN D 37 -16.01 6.84 21.11
CA GLN D 37 -15.25 5.61 21.26
C GLN D 37 -15.24 4.84 19.94
N GLN D 38 -14.10 4.29 19.56
CA GLN D 38 -14.03 3.44 18.38
C GLN D 38 -13.14 2.20 18.53
N LYS D 39 -13.75 1.05 18.33
CA LYS D 39 -13.04 -0.22 18.23
C LYS D 39 -12.78 -0.51 16.74
N PRO D 40 -11.61 -1.11 16.40
CA PRO D 40 -11.24 -1.33 14.97
C PRO D 40 -12.30 -2.08 14.19
N GLY D 41 -12.51 -1.66 12.94
CA GLY D 41 -13.55 -2.23 12.08
C GLY D 41 -14.98 -2.11 12.60
N LYS D 42 -15.21 -1.08 13.43
CA LYS D 42 -16.56 -0.72 13.90
C LYS D 42 -16.77 0.79 13.82
N ALA D 43 -18.04 1.19 13.74
CA ALA D 43 -18.39 2.61 13.74
C ALA D 43 -18.03 3.27 15.08
N PRO D 44 -17.67 4.57 15.07
CA PRO D 44 -17.52 5.28 16.33
C PRO D 44 -18.84 5.35 17.14
N LYS D 45 -18.73 5.38 18.47
CA LYS D 45 -19.89 5.51 19.34
C LYS D 45 -19.79 6.83 20.09
N LEU D 46 -20.90 7.56 20.15
CA LEU D 46 -20.95 8.84 20.86
C LEU D 46 -20.78 8.64 22.37
N LEU D 47 -19.76 9.27 22.94
CA LEU D 47 -19.54 9.26 24.38
C LEU D 47 -20.09 10.53 25.07
N ILE D 48 -19.51 11.68 24.73
CA ILE D 48 -19.85 12.93 25.37
C ILE D 48 -20.27 14.01 24.36
N TYR D 49 -21.35 14.73 24.66
CA TYR D 49 -21.78 15.92 23.90
C TYR D 49 -21.91 17.15 24.82
N SER D 50 -21.90 18.35 24.23
CA SER D 50 -21.87 19.62 24.99
C SER D 50 -20.68 19.68 25.92
N ALA D 51 -19.58 19.05 25.51
CA ALA D 51 -18.32 18.99 26.26
C ALA D 51 -18.38 18.22 27.61
N SER D 52 -19.59 17.99 28.14
CA SER D 52 -19.74 17.49 29.51
C SER D 52 -20.82 16.44 29.72
N TYR D 53 -21.82 16.38 28.85
CA TYR D 53 -23.00 15.56 29.08
C TYR D 53 -22.84 14.14 28.52
N ARG D 54 -23.24 13.13 29.30
CA ARG D 54 -23.21 11.72 28.89
C ARG D 54 -24.36 11.40 27.94
N TYR D 55 -24.04 10.66 26.90
CA TYR D 55 -25.07 10.17 25.98
C TYR D 55 -25.79 8.95 26.58
N THR D 56 -27.04 8.73 26.19
CA THR D 56 -27.84 7.57 26.63
C THR D 56 -27.06 6.25 26.55
N GLY D 57 -27.01 5.55 27.68
CA GLY D 57 -26.44 4.21 27.75
C GLY D 57 -24.95 4.19 28.00
N VAL D 58 -24.32 5.36 27.96
CA VAL D 58 -22.87 5.46 28.12
C VAL D 58 -22.53 5.40 29.61
N PRO D 59 -21.69 4.42 30.00
CA PRO D 59 -21.37 4.09 31.38
C PRO D 59 -20.94 5.28 32.25
N SER D 60 -21.34 5.24 33.52
CA SER D 60 -21.14 6.33 34.49
C SER D 60 -19.67 6.68 34.75
N ARG D 61 -18.77 5.77 34.38
CA ARG D 61 -17.32 5.98 34.53
C ARG D 61 -16.78 7.01 33.55
N PHE D 62 -17.57 7.32 32.52
CA PHE D 62 -17.18 8.28 31.48
C PHE D 62 -17.70 9.69 31.75
N SER D 63 -16.79 10.66 31.82
CA SER D 63 -17.19 12.05 31.97
C SER D 63 -16.22 13.02 31.26
N GLY D 64 -16.75 14.18 30.89
CA GLY D 64 -15.97 15.20 30.20
C GLY D 64 -15.94 16.53 30.92
N SER D 65 -14.98 17.36 30.52
CA SER D 65 -14.85 18.73 31.03
C SER D 65 -14.18 19.59 29.95
N GLY D 66 -13.97 20.88 30.24
CA GLY D 66 -13.32 21.80 29.32
C GLY D 66 -14.24 22.88 28.80
N SER D 67 -13.64 23.97 28.31
CA SER D 67 -14.38 25.13 27.79
C SER D 67 -13.49 26.00 26.93
N GLY D 68 -14.03 26.49 25.81
CA GLY D 68 -13.30 27.43 24.97
C GLY D 68 -12.29 26.81 24.02
N THR D 69 -11.18 26.33 24.57
CA THR D 69 -10.12 25.72 23.76
C THR D 69 -9.59 24.38 24.26
N ASP D 70 -9.67 24.14 25.56
CA ASP D 70 -9.02 22.98 26.14
C ASP D 70 -10.04 22.06 26.78
N PHE D 71 -10.02 20.78 26.39
CA PHE D 71 -11.05 19.84 26.83
C PHE D 71 -10.46 18.51 27.32
N THR D 72 -11.28 17.73 28.02
CA THR D 72 -10.78 16.59 28.78
C THR D 72 -11.79 15.45 28.93
N LEU D 73 -11.36 14.25 28.56
CA LEU D 73 -12.13 13.02 28.79
C LEU D 73 -11.49 12.18 29.91
N THR D 74 -12.35 11.66 30.79
CA THR D 74 -11.89 10.96 31.99
C THR D 74 -12.62 9.63 32.18
N ILE D 75 -11.86 8.60 32.49
CA ILE D 75 -12.42 7.32 32.91
C ILE D 75 -12.01 7.10 34.36
N SER D 76 -13.00 6.97 35.24
CA SER D 76 -12.76 6.84 36.68
C SER D 76 -12.27 5.44 37.07
N SER D 77 -13.06 4.42 36.74
CA SER D 77 -12.75 3.02 37.01
C SER D 77 -12.61 2.24 35.71
N LEU D 78 -11.40 2.24 35.15
CA LEU D 78 -11.12 1.59 33.85
C LEU D 78 -11.50 0.11 33.80
N GLN D 79 -12.34 -0.23 32.82
CA GLN D 79 -12.85 -1.59 32.61
C GLN D 79 -12.05 -2.22 31.45
N PRO D 80 -12.15 -3.57 31.26
CA PRO D 80 -11.39 -4.21 30.17
C PRO D 80 -11.83 -3.87 28.74
N GLU D 81 -13.13 -3.65 28.55
CA GLU D 81 -13.66 -3.33 27.21
C GLU D 81 -13.24 -1.93 26.73
N ASP D 82 -12.91 -1.05 27.68
CA ASP D 82 -12.61 0.36 27.39
C ASP D 82 -11.34 0.59 26.58
N PHE D 83 -10.51 -0.44 26.40
CA PHE D 83 -9.31 -0.32 25.56
C PHE D 83 -9.77 -0.14 24.12
N ALA D 84 -9.38 0.98 23.51
CA ALA D 84 -9.87 1.37 22.18
C ALA D 84 -9.21 2.68 21.73
N THR D 85 -9.79 3.30 20.70
CA THR D 85 -9.38 4.64 20.26
C THR D 85 -10.44 5.67 20.66
N TYR D 86 -9.99 6.87 21.02
CA TYR D 86 -10.87 7.92 21.47
C TYR D 86 -10.71 9.17 20.65
N TYR D 87 -11.84 9.68 20.15
CA TYR D 87 -11.86 10.88 19.32
C TYR D 87 -12.59 12.05 20.00
N CYS D 88 -12.08 13.26 19.78
CA CYS D 88 -12.78 14.49 20.13
C CYS D 88 -13.15 15.20 18.84
N GLN D 89 -14.26 15.95 18.88
CA GLN D 89 -14.71 16.70 17.70
C GLN D 89 -15.27 18.06 18.13
N GLN D 90 -14.96 19.10 17.37
CA GLN D 90 -15.71 20.34 17.47
C GLN D 90 -16.82 20.28 16.43
N TYR D 91 -18.06 20.49 16.86
CA TYR D 91 -19.21 20.25 15.99
C TYR D 91 -20.09 21.47 15.63
N TYR D 92 -19.66 22.68 15.98
CA TYR D 92 -20.47 23.85 15.66
C TYR D 92 -20.14 24.48 14.32
N ILE D 93 -18.86 24.45 13.96
CA ILE D 93 -18.40 25.14 12.77
C ILE D 93 -17.93 24.19 11.68
N TYR D 94 -18.45 24.37 10.48
CA TYR D 94 -17.92 23.73 9.29
C TYR D 94 -16.38 23.82 9.31
N PRO D 95 -15.65 22.71 9.01
CA PRO D 95 -16.10 21.42 8.49
C PRO D 95 -16.30 20.36 9.57
N TYR D 96 -16.46 20.80 10.82
CA TYR D 96 -16.80 19.93 11.95
C TYR D 96 -15.70 18.92 12.21
N THR D 97 -14.54 19.48 12.52
CA THR D 97 -13.27 18.78 12.57
C THR D 97 -13.14 17.85 13.76
N PHE D 98 -12.71 16.61 13.46
CA PHE D 98 -12.34 15.62 14.48
C PHE D 98 -10.86 15.76 14.85
N GLY D 99 -10.50 15.34 16.06
CA GLY D 99 -9.09 15.16 16.42
C GLY D 99 -8.52 13.92 15.72
N GLN D 100 -7.20 13.74 15.76
CA GLN D 100 -6.58 12.59 15.07
C GLN D 100 -6.70 11.28 15.86
N GLY D 101 -7.04 11.37 17.14
CA GLY D 101 -7.32 10.19 17.96
C GLY D 101 -6.25 9.78 18.97
N THR D 102 -6.66 8.92 19.91
CA THR D 102 -5.80 8.41 20.98
C THR D 102 -6.03 6.90 21.18
N LYS D 103 -5.02 6.09 20.83
CA LYS D 103 -5.08 4.65 21.11
C LYS D 103 -4.89 4.40 22.59
N VAL D 104 -5.57 3.39 23.11
CA VAL D 104 -5.47 3.04 24.53
C VAL D 104 -5.16 1.54 24.74
N GLU D 105 -3.91 1.28 25.13
CA GLU D 105 -3.37 -0.08 25.33
C GLU D 105 -3.70 -0.63 26.73
N ILE D 106 -3.30 -1.88 26.98
CA ILE D 106 -3.51 -2.54 28.28
C ILE D 106 -2.20 -2.85 28.97
N PRO D 110 0.89 -8.97 30.79
CA PRO D 110 1.66 -10.19 31.00
C PRO D 110 1.87 -10.98 29.70
N LYS D 111 3.11 -11.39 29.44
CA LYS D 111 3.46 -12.20 28.27
C LYS D 111 2.60 -13.46 28.15
N ALA D 112 2.18 -13.76 26.91
CA ALA D 112 1.45 -14.99 26.61
C ALA D 112 2.01 -15.67 25.35
N ALA D 113 2.32 -16.97 25.44
CA ALA D 113 2.86 -17.75 24.32
C ALA D 113 1.78 -18.03 23.29
N PRO D 114 2.12 -17.95 22.00
CA PRO D 114 1.10 -18.12 20.96
C PRO D 114 0.58 -19.53 20.85
N SER D 115 -0.69 -19.65 20.42
CA SER D 115 -1.26 -20.91 19.96
C SER D 115 -1.04 -20.99 18.48
N VAL D 116 -0.67 -22.18 18.00
CA VAL D 116 -0.31 -22.37 16.61
C VAL D 116 -1.08 -23.53 16.00
N THR D 117 -1.71 -23.26 14.85
CA THR D 117 -2.47 -24.25 14.08
C THR D 117 -1.99 -24.18 12.67
N LEU D 118 -1.54 -25.34 12.18
CA LEU D 118 -0.96 -25.43 10.87
C LEU D 118 -1.82 -26.35 10.01
N PHE D 119 -2.21 -25.91 8.83
CA PHE D 119 -2.97 -26.74 7.89
C PHE D 119 -2.16 -27.04 6.62
N PRO D 120 -2.16 -28.30 6.15
CA PRO D 120 -1.53 -28.63 4.86
C PRO D 120 -2.42 -28.20 3.69
N PRO D 121 -1.89 -28.20 2.45
CA PRO D 121 -2.75 -27.88 1.30
C PRO D 121 -3.93 -28.83 1.23
N SER D 122 -5.08 -28.34 0.78
CA SER D 122 -6.23 -29.23 0.57
C SER D 122 -6.05 -30.08 -0.68
N SER D 123 -6.71 -31.24 -0.70
CA SER D 123 -6.84 -32.06 -1.93
C SER D 123 -7.31 -31.21 -3.11
N GLU D 124 -8.39 -30.46 -2.90
CA GLU D 124 -8.93 -29.57 -3.88
C GLU D 124 -7.89 -28.59 -4.45
N GLU D 125 -7.08 -27.98 -3.58
CA GLU D 125 -6.11 -27.01 -4.07
C GLU D 125 -5.03 -27.69 -4.91
N LEU D 126 -4.63 -28.89 -4.49
CA LEU D 126 -3.57 -29.62 -5.17
C LEU D 126 -3.98 -30.00 -6.57
N GLN D 127 -5.19 -30.54 -6.70
CA GLN D 127 -5.85 -30.76 -8.01
C GLN D 127 -5.98 -29.48 -8.86
N ALA D 128 -6.13 -28.33 -8.21
CA ALA D 128 -6.11 -27.06 -8.96
C ALA D 128 -4.69 -26.57 -9.23
N ASN D 129 -3.70 -27.46 -9.07
CA ASN D 129 -2.32 -27.18 -9.42
C ASN D 129 -1.69 -26.08 -8.54
N LYS D 130 -2.12 -25.99 -7.28
CA LYS D 130 -1.57 -25.04 -6.34
C LYS D 130 -1.44 -25.72 -4.97
N ALA D 131 -0.77 -25.05 -4.04
CA ALA D 131 -0.54 -25.57 -2.71
C ALA D 131 -0.26 -24.40 -1.76
N THR D 132 -1.07 -24.28 -0.69
CA THR D 132 -0.83 -23.28 0.33
C THR D 132 -0.84 -23.92 1.72
N LEU D 133 0.20 -23.71 2.49
CA LEU D 133 0.19 -24.15 3.90
C LEU D 133 -0.30 -22.96 4.68
N VAL D 134 -1.11 -23.20 5.72
CA VAL D 134 -1.67 -22.09 6.48
C VAL D 134 -1.27 -22.17 7.92
N CYS D 135 -0.64 -21.13 8.43
CA CYS D 135 -0.20 -21.16 9.81
C CYS D 135 -0.89 -20.03 10.57
N LEU D 136 -1.75 -20.40 11.50
CA LEU D 136 -2.57 -19.43 12.25
C LEU D 136 -2.04 -19.32 13.66
N ILE D 137 -1.84 -18.08 14.10
CA ILE D 137 -1.16 -17.78 15.35
C ILE D 137 -2.07 -16.88 16.21
N SER D 138 -2.37 -17.31 17.42
CA SER D 138 -3.32 -16.55 18.25
C SER D 138 -3.01 -16.52 19.73
N ASP D 139 -3.66 -15.56 20.40
CA ASP D 139 -3.64 -15.45 21.87
C ASP D 139 -2.27 -15.05 22.43
N PHE D 140 -1.47 -14.34 21.64
CA PHE D 140 -0.16 -13.93 22.12
C PHE D 140 -0.08 -12.47 22.54
N TYR D 141 0.81 -12.20 23.48
CA TYR D 141 1.07 -10.84 23.94
C TYR D 141 2.52 -10.78 24.44
N PRO D 142 3.28 -9.74 24.03
CA PRO D 142 2.89 -8.61 23.17
C PRO D 142 2.79 -8.98 21.67
N GLY D 143 2.43 -8.00 20.85
CA GLY D 143 2.10 -8.23 19.44
C GLY D 143 3.29 -8.22 18.51
N ALA D 144 4.31 -9.00 18.87
CA ALA D 144 5.49 -9.16 18.07
C ALA D 144 5.82 -10.63 18.02
N VAL D 145 5.75 -11.22 16.82
CA VAL D 145 6.18 -12.58 16.59
C VAL D 145 7.09 -12.70 15.39
N THR D 146 7.84 -13.79 15.34
CA THR D 146 8.70 -14.13 14.22
C THR D 146 8.27 -15.48 13.69
N VAL D 147 8.16 -15.59 12.37
CA VAL D 147 7.67 -16.83 11.78
C VAL D 147 8.73 -17.38 10.84
N ALA D 148 9.16 -18.60 11.06
CA ALA D 148 10.14 -19.20 10.16
C ALA D 148 9.56 -20.46 9.57
N TRP D 149 9.72 -20.64 8.27
CA TRP D 149 9.20 -21.83 7.62
C TRP D 149 10.35 -22.72 7.21
N LYS D 150 10.13 -24.02 7.28
CA LYS D 150 11.17 -24.99 6.97
C LYS D 150 10.63 -26.03 6.03
N ALA D 151 11.46 -26.43 5.08
CA ALA D 151 11.21 -27.59 4.24
C ALA D 151 12.21 -28.67 4.66
N ASP D 152 11.66 -29.79 5.10
CA ASP D 152 12.45 -30.75 5.89
C ASP D 152 13.08 -30.00 7.07
N SER D 153 14.42 -29.83 7.10
CA SER D 153 15.04 -29.01 8.17
C SER D 153 15.58 -27.64 7.73
N SER D 154 15.42 -27.32 6.44
CA SER D 154 16.03 -26.13 5.83
C SER D 154 15.03 -25.00 5.68
N PRO D 155 15.48 -23.75 5.90
CA PRO D 155 14.62 -22.57 5.81
C PRO D 155 14.10 -22.39 4.39
N VAL D 156 12.84 -21.97 4.26
CA VAL D 156 12.29 -21.62 2.94
C VAL D 156 12.66 -20.18 2.58
N LYS D 157 13.22 -20.00 1.38
CA LYS D 157 13.62 -18.66 0.94
C LYS D 157 12.67 -17.97 -0.06
N ALA D 158 11.37 -18.32 -0.04
CA ALA D 158 10.38 -17.74 -0.99
C ALA D 158 8.95 -18.15 -0.72
N GLY D 159 8.00 -17.33 -1.16
CA GLY D 159 6.59 -17.66 -1.08
C GLY D 159 5.92 -17.49 0.29
N VAL D 160 6.56 -16.73 1.17
CA VAL D 160 6.04 -16.51 2.52
C VAL D 160 5.34 -15.16 2.62
N GLU D 161 4.11 -15.20 3.12
CA GLU D 161 3.30 -14.00 3.34
C GLU D 161 2.79 -14.05 4.78
N THR D 162 3.14 -13.05 5.59
CA THR D 162 2.79 -13.03 7.01
C THR D 162 2.16 -11.69 7.37
N THR D 163 1.04 -11.71 8.11
CA THR D 163 0.36 -10.46 8.47
C THR D 163 1.09 -9.77 9.62
N THR D 164 0.86 -8.46 9.72
CA THR D 164 1.21 -7.71 10.91
C THR D 164 0.25 -8.17 12.00
N PRO D 165 0.75 -8.49 13.20
CA PRO D 165 -0.13 -8.87 14.31
C PRO D 165 -1.22 -7.83 14.57
N SER D 166 -2.45 -8.28 14.83
CA SER D 166 -3.51 -7.36 15.19
C SER D 166 -4.24 -7.82 16.43
N LYS D 167 -4.83 -6.85 17.15
CA LYS D 167 -5.56 -7.11 18.38
C LYS D 167 -6.83 -7.89 18.14
N GLN D 168 -7.01 -8.96 18.90
CA GLN D 168 -8.27 -9.69 18.95
C GLN D 168 -9.14 -8.93 19.95
N SER D 169 -10.44 -9.19 19.95
CA SER D 169 -11.34 -8.52 20.90
C SER D 169 -10.87 -8.64 22.35
N ASN D 170 -10.25 -9.78 22.69
CA ASN D 170 -9.79 -10.07 24.05
C ASN D 170 -8.44 -9.48 24.46
N ASN D 171 -7.97 -8.45 23.73
CA ASN D 171 -6.70 -7.74 24.02
C ASN D 171 -5.41 -8.55 23.76
N LYS D 172 -5.56 -9.76 23.24
CA LYS D 172 -4.39 -10.51 22.78
C LYS D 172 -4.29 -10.39 21.26
N TYR D 173 -3.17 -10.82 20.71
CA TYR D 173 -2.90 -10.60 19.30
C TYR D 173 -3.10 -11.87 18.47
N ALA D 174 -3.35 -11.66 17.18
CA ALA D 174 -3.44 -12.75 16.23
C ALA D 174 -2.64 -12.43 14.98
N ALA D 175 -2.16 -13.47 14.31
CA ALA D 175 -1.48 -13.31 13.04
C ALA D 175 -1.62 -14.59 12.23
N SER D 176 -1.28 -14.53 10.94
CA SER D 176 -1.24 -15.72 10.10
C SER D 176 -0.09 -15.63 9.13
N SER D 177 0.39 -16.79 8.69
CA SER D 177 1.49 -16.86 7.72
C SER D 177 1.13 -17.91 6.68
N TYR D 178 1.37 -17.60 5.41
CA TYR D 178 1.03 -18.48 4.32
C TYR D 178 2.28 -18.84 3.54
N LEU D 179 2.44 -20.11 3.25
CA LEU D 179 3.51 -20.57 2.39
C LEU D 179 2.88 -21.10 1.11
N SER D 180 3.24 -20.48 -0.02
CA SER D 180 2.85 -20.93 -1.37
C SER D 180 3.89 -21.87 -1.99
N LEU D 181 3.45 -23.06 -2.39
CA LEU D 181 4.31 -24.09 -2.97
C LEU D 181 3.66 -24.58 -4.25
N THR D 182 4.42 -25.27 -5.12
CA THR D 182 3.84 -26.07 -6.19
C THR D 182 3.52 -27.43 -5.58
N PRO D 183 2.50 -28.15 -6.13
CA PRO D 183 2.20 -29.51 -5.65
C PRO D 183 3.44 -30.38 -5.61
N GLU D 184 4.32 -30.22 -6.60
CA GLU D 184 5.52 -31.02 -6.67
C GLU D 184 6.43 -30.77 -5.47
N GLN D 185 6.62 -29.51 -5.09
CA GLN D 185 7.38 -29.21 -3.87
C GLN D 185 6.73 -29.86 -2.64
N TRP D 186 5.41 -29.72 -2.52
CA TRP D 186 4.70 -30.27 -1.37
C TRP D 186 4.94 -31.77 -1.26
N LYS D 187 4.81 -32.48 -2.37
CA LYS D 187 4.95 -33.95 -2.37
C LYS D 187 6.40 -34.45 -2.23
N SER D 188 7.37 -33.63 -2.66
CA SER D 188 8.76 -34.09 -2.70
C SER D 188 9.54 -33.99 -1.37
N HIS D 189 8.98 -33.33 -0.37
CA HIS D 189 9.64 -33.23 0.93
C HIS D 189 9.01 -34.17 1.96
N ARG D 190 9.79 -34.65 2.91
CA ARG D 190 9.21 -35.38 4.04
C ARG D 190 8.19 -34.52 4.84
N SER D 191 8.47 -33.23 5.02
CA SER D 191 7.55 -32.38 5.77
C SER D 191 7.88 -30.90 5.67
N TYR D 192 6.93 -30.09 6.06
CA TYR D 192 7.13 -28.66 6.19
C TYR D 192 6.78 -28.25 7.60
N SER D 193 7.41 -27.18 8.09
CA SER D 193 7.18 -26.72 9.45
C SER D 193 6.96 -25.22 9.51
N CYS D 194 6.11 -24.81 10.46
CA CYS D 194 5.89 -23.41 10.77
C CYS D 194 6.38 -23.21 12.19
N GLN D 195 7.39 -22.37 12.35
CA GLN D 195 7.99 -22.13 13.65
C GLN D 195 7.73 -20.67 14.05
N VAL D 196 7.08 -20.51 15.18
CA VAL D 196 6.62 -19.23 15.68
C VAL D 196 7.39 -18.89 16.96
N THR D 197 8.14 -17.81 16.90
CA THR D 197 8.92 -17.39 18.04
C THR D 197 8.35 -16.09 18.55
N HIS D 198 8.36 -15.97 19.87
CA HIS D 198 7.76 -14.87 20.57
C HIS D 198 8.45 -14.82 21.93
N GLU D 199 9.27 -13.79 22.13
CA GLU D 199 10.05 -13.58 23.37
C GLU D 199 10.86 -14.83 23.79
N GLY D 200 10.51 -15.45 24.91
CA GLY D 200 11.22 -16.67 25.34
C GLY D 200 10.52 -17.97 24.96
N SER D 201 9.63 -17.91 23.98
CA SER D 201 8.84 -19.07 23.60
C SER D 201 8.87 -19.29 22.10
N THR D 202 8.86 -20.55 21.70
CA THR D 202 8.77 -20.96 20.31
C THR D 202 7.85 -22.16 20.26
N VAL D 203 6.97 -22.19 19.26
CA VAL D 203 6.05 -23.28 19.06
C VAL D 203 6.21 -23.64 17.59
N GLU D 204 6.49 -24.89 17.31
CA GLU D 204 6.68 -25.29 15.94
C GLU D 204 5.71 -26.42 15.64
N LYS D 205 5.01 -26.32 14.52
CA LYS D 205 4.13 -27.38 14.04
C LYS D 205 4.65 -27.85 12.72
N THR D 206 4.38 -29.11 12.42
CA THR D 206 4.89 -29.79 11.26
C THR D 206 3.73 -30.55 10.59
N VAL D 207 3.69 -30.55 9.25
CA VAL D 207 2.75 -31.39 8.48
C VAL D 207 3.47 -32.10 7.34
N ALA D 208 2.94 -33.25 6.93
CA ALA D 208 3.51 -34.09 5.88
C ALA D 208 2.43 -34.50 4.84
N PRO D 209 2.81 -34.68 3.56
CA PRO D 209 1.92 -35.08 2.45
C PRO D 209 0.98 -36.26 2.72
#